data_4KL1
#
_entry.id   4KL1
#
_cell.length_a   97.100
_cell.length_b   99.030
_cell.length_c   109.570
_cell.angle_alpha   90.00
_cell.angle_beta   90.00
_cell.angle_gamma   90.00
#
_symmetry.space_group_name_H-M   'P 21 21 21'
#
loop_
_entity.id
_entity.type
_entity.pdbx_description
1 polymer 'Potassium/sodium hyperpolarization-activated cyclic nucleotide-gated channel 4'
2 non-polymer 'CYCLIC GUANOSINE MONOPHOSPHATE'
3 non-polymer 'ACETATE ION'
4 non-polymer GLYCEROL
5 water water
#
_entity_poly.entity_id   1
_entity_poly.type   'polypeptide(L)'
_entity_poly.pdbx_seq_one_letter_code
;GPSSPMDSSRRQYQEKYKQVEQYMSFHKLPPDTRQRIHDYYEHRYQGKMFDEESILGELSEPLREEIINFN(CSO)RKLV
ASMPLFANADPNFVTSMLTKLRFEVFQPGDYIIREGTIGKKMYFIQHGVVSVLTKGNKETKLADGSYFGEICLLTRGRRT
ASVRADTYCRLYSLSVDNFNEVLEEYPMMRRAFETVALDRLDR
;
_entity_poly.pdbx_strand_id   A,B,C,D
#
loop_
_chem_comp.id
_chem_comp.type
_chem_comp.name
_chem_comp.formula
ACT non-polymer 'ACETATE ION' 'C2 H3 O2 -1'
GOL non-polymer GLYCEROL 'C3 H8 O3'
PCG non-polymer 'CYCLIC GUANOSINE MONOPHOSPHATE' 'C10 H12 N5 O7 P'
#
# COMPACT_ATOMS: atom_id res chain seq x y z
N ASP A 7 -1.52 -3.09 31.40
CA ASP A 7 -2.72 -2.26 31.03
C ASP A 7 -2.42 -0.81 30.53
N SER A 8 -1.65 -0.70 29.45
CA SER A 8 -1.72 0.47 28.59
C SER A 8 -2.82 0.16 27.56
N SER A 9 -3.03 -1.14 27.34
CA SER A 9 -4.09 -1.68 26.51
C SER A 9 -5.45 -1.22 27.00
N ARG A 10 -5.59 -1.13 28.32
CA ARG A 10 -6.82 -0.64 28.97
C ARG A 10 -7.01 0.83 28.67
N ARG A 11 -5.92 1.59 28.71
CA ARG A 11 -5.98 3.03 28.52
C ARG A 11 -6.23 3.38 27.07
N GLN A 12 -5.54 2.68 26.17
CA GLN A 12 -5.75 2.77 24.72
C GLN A 12 -7.21 2.57 24.38
N TYR A 13 -7.86 1.68 25.10
CA TYR A 13 -9.24 1.38 24.88
C TYR A 13 -10.18 2.48 25.35
N GLN A 14 -9.87 3.10 26.48
CA GLN A 14 -10.63 4.28 26.92
C GLN A 14 -10.32 5.47 26.01
N GLU A 15 -9.05 5.63 25.64
CA GLU A 15 -8.64 6.72 24.74
C GLU A 15 -9.26 6.62 23.32
N LYS A 16 -9.33 5.40 22.79
CA LYS A 16 -9.86 5.23 21.43
C LYS A 16 -11.37 5.34 21.45
N TYR A 17 -12.02 4.89 22.51
CA TYR A 17 -13.46 5.02 22.57
C TYR A 17 -13.88 6.47 22.79
N LYS A 18 -12.93 7.29 23.23
CA LYS A 18 -13.22 8.70 23.41
C LYS A 18 -13.44 9.38 22.06
N GLN A 19 -12.56 9.10 21.11
CA GLN A 19 -12.71 9.64 19.76
C GLN A 19 -13.93 9.06 19.08
N VAL A 20 -14.29 7.83 19.42
CA VAL A 20 -15.54 7.27 18.89
C VAL A 20 -16.68 8.00 19.53
N GLU A 21 -16.56 8.35 20.80
CA GLU A 21 -17.56 9.22 21.45
C GLU A 21 -17.60 10.59 20.77
N GLN A 22 -16.44 11.10 20.35
CA GLN A 22 -16.33 12.35 19.58
C GLN A 22 -17.12 12.29 18.26
N TYR A 23 -16.73 11.35 17.40
CA TYR A 23 -17.39 11.09 16.11
C TYR A 23 -18.92 11.02 16.23
N MET A 24 -19.41 10.22 17.16
CA MET A 24 -20.84 10.02 17.26
C MET A 24 -21.55 11.35 17.48
N SER A 25 -20.86 12.25 18.20
CA SER A 25 -21.44 13.54 18.59
C SER A 25 -21.47 14.51 17.41
N PHE A 26 -20.32 14.68 16.77
CA PHE A 26 -20.17 15.53 15.58
C PHE A 26 -21.12 15.18 14.39
N HIS A 27 -22.03 14.23 14.63
CA HIS A 27 -22.82 13.55 13.58
C HIS A 27 -24.27 13.31 14.00
N LYS A 28 -24.52 13.56 15.29
CA LYS A 28 -25.88 13.59 15.86
C LYS A 28 -26.50 12.21 15.83
N LEU A 29 -25.67 11.19 16.01
CA LEU A 29 -26.13 9.82 15.90
C LEU A 29 -27.25 9.52 16.87
N PRO A 30 -28.38 9.05 16.36
CA PRO A 30 -29.56 8.72 17.14
C PRO A 30 -29.18 7.87 18.33
N PRO A 31 -29.99 7.92 19.42
CA PRO A 31 -29.67 7.14 20.64
C PRO A 31 -29.45 5.64 20.30
N ASP A 32 -30.44 5.01 19.66
CA ASP A 32 -30.34 3.62 19.18
C ASP A 32 -28.99 3.28 18.55
N THR A 33 -28.56 4.10 17.59
CA THR A 33 -27.32 3.84 16.90
C THR A 33 -26.18 3.83 17.88
N ARG A 34 -26.15 4.82 18.77
CA ARG A 34 -24.96 5.03 19.57
C ARG A 34 -24.84 3.96 20.65
N GLN A 35 -26.00 3.42 21.06
CA GLN A 35 -26.01 2.22 21.90
C GLN A 35 -25.51 0.99 21.15
N ARG A 36 -25.83 0.84 19.86
CA ARG A 36 -25.29 -0.29 19.10
C ARG A 36 -23.79 -0.23 18.95
N ILE A 37 -23.27 0.98 18.81
CA ILE A 37 -21.85 1.20 18.62
C ILE A 37 -21.11 0.92 19.90
N HIS A 38 -21.66 1.35 21.03
CA HIS A 38 -20.96 1.18 22.30
C HIS A 38 -20.88 -0.29 22.63
N ASP A 39 -22.02 -0.98 22.63
CA ASP A 39 -22.01 -2.39 22.88
C ASP A 39 -21.04 -3.12 21.90
N TYR A 40 -21.10 -2.79 20.60
CA TYR A 40 -20.22 -3.41 19.64
C TYR A 40 -18.79 -3.31 20.18
N TYR A 41 -18.43 -2.08 20.53
CA TYR A 41 -17.08 -1.74 21.00
C TYR A 41 -16.64 -2.58 22.19
N GLU A 42 -17.49 -2.59 23.19
CA GLU A 42 -17.29 -3.38 24.38
C GLU A 42 -17.05 -4.82 23.98
N HIS A 43 -17.98 -5.42 23.22
CA HIS A 43 -17.90 -6.83 22.82
C HIS A 43 -16.72 -7.21 21.96
N ARG A 44 -16.22 -6.28 21.17
CA ARG A 44 -15.18 -6.61 20.24
C ARG A 44 -13.85 -6.36 20.87
N TYR A 45 -13.74 -5.31 21.67
CA TYR A 45 -12.44 -5.07 22.26
C TYR A 45 -12.32 -5.40 23.73
N GLN A 46 -13.43 -5.36 24.45
CA GLN A 46 -13.49 -5.96 25.79
C GLN A 46 -12.53 -5.29 26.76
N GLY A 47 -12.45 -3.96 26.69
CA GLY A 47 -11.54 -3.23 27.57
C GLY A 47 -10.11 -3.10 27.05
N LYS A 48 -9.75 -3.89 26.05
CA LYS A 48 -8.35 -3.93 25.57
C LYS A 48 -8.15 -3.58 24.09
N MET A 49 -7.22 -2.65 23.85
CA MET A 49 -6.91 -2.17 22.51
C MET A 49 -5.39 -2.15 22.30
N PHE A 50 -4.84 -3.17 21.63
CA PHE A 50 -3.41 -3.17 21.32
C PHE A 50 -2.96 -3.53 19.89
N ASP A 51 -1.80 -3.03 19.52
CA ASP A 51 -1.23 -3.29 18.21
C ASP A 51 -0.68 -4.72 18.11
N GLU A 52 -1.59 -5.67 18.01
CA GLU A 52 -1.26 -7.08 17.96
C GLU A 52 -0.60 -7.47 16.64
N GLU A 53 -1.14 -6.99 15.53
CA GLU A 53 -0.58 -7.29 14.24
C GLU A 53 0.86 -6.77 14.11
N SER A 54 1.15 -5.75 14.91
CA SER A 54 2.45 -5.12 14.90
C SER A 54 3.42 -5.94 15.70
N ILE A 55 2.91 -6.61 16.74
CA ILE A 55 3.72 -7.56 17.50
C ILE A 55 3.97 -8.78 16.65
N LEU A 56 2.92 -9.38 16.12
CA LEU A 56 3.08 -10.57 15.33
C LEU A 56 4.06 -10.38 14.18
N GLY A 57 4.14 -9.16 13.68
CA GLY A 57 4.98 -8.90 12.56
C GLY A 57 6.46 -8.85 12.89
N GLU A 58 6.82 -8.84 14.17
CA GLU A 58 8.22 -8.77 14.55
C GLU A 58 8.78 -10.13 14.76
N LEU A 59 7.96 -11.15 14.57
CA LEU A 59 8.37 -12.48 14.94
C LEU A 59 8.51 -13.20 13.64
N SER A 60 9.09 -14.41 13.66
CA SER A 60 9.17 -15.25 12.48
C SER A 60 7.81 -15.89 12.13
N GLU A 61 7.70 -16.38 10.90
CA GLU A 61 6.53 -17.12 10.47
C GLU A 61 6.32 -18.35 11.37
N PRO A 62 7.39 -19.14 11.62
CA PRO A 62 7.17 -20.34 12.47
C PRO A 62 6.56 -20.01 13.82
N LEU A 63 7.01 -18.92 14.43
CA LEU A 63 6.45 -18.49 15.68
C LEU A 63 5.01 -17.97 15.54
N ARG A 64 4.71 -17.20 14.49
CA ARG A 64 3.32 -16.79 14.27
CA ARG A 64 3.32 -16.78 14.19
C ARG A 64 2.40 -18.00 14.17
N GLU A 65 2.93 -19.09 13.60
CA GLU A 65 2.20 -20.30 13.43
C GLU A 65 1.96 -20.97 14.78
N GLU A 66 3.00 -21.05 15.60
CA GLU A 66 2.90 -21.76 16.86
C GLU A 66 1.90 -21.00 17.74
N ILE A 67 2.06 -19.67 17.78
CA ILE A 67 1.19 -18.82 18.56
C ILE A 67 -0.28 -18.94 18.10
N ILE A 68 -0.54 -18.74 16.81
CA ILE A 68 -1.89 -18.82 16.29
C ILE A 68 -2.50 -20.17 16.62
N ASN A 69 -1.75 -21.27 16.39
CA ASN A 69 -2.24 -22.64 16.63
C ASN A 69 -2.69 -22.82 18.07
N PHE A 70 -1.99 -22.17 19.00
CA PHE A 70 -2.31 -22.24 20.41
C PHE A 70 -3.53 -21.38 20.66
N ASN A 71 -3.46 -20.11 20.30
CA ASN A 71 -4.59 -19.21 20.48
C ASN A 71 -5.93 -19.83 19.97
N CSO A 72 -5.89 -20.58 18.87
CA CSO A 72 -7.08 -21.08 18.22
CB CSO A 72 -7.11 -20.76 16.70
SG CSO A 72 -6.83 -18.99 16.36
C CSO A 72 -7.38 -22.57 18.43
O CSO A 72 -8.18 -23.16 17.66
OD CSO A 72 -8.38 -18.17 16.09
N ARG A 73 -6.78 -23.18 19.47
CA ARG A 73 -6.84 -24.64 19.55
C ARG A 73 -8.28 -25.10 19.81
N LYS A 74 -9.05 -24.22 20.49
CA LYS A 74 -10.46 -24.49 20.77
C LYS A 74 -11.38 -24.33 19.54
N LEU A 75 -11.24 -23.25 18.79
CA LEU A 75 -11.92 -23.19 17.48
C LEU A 75 -11.66 -24.44 16.63
N VAL A 76 -10.40 -24.84 16.52
CA VAL A 76 -10.01 -25.97 15.72
C VAL A 76 -10.70 -27.21 16.21
N ALA A 77 -10.82 -27.31 17.51
CA ALA A 77 -11.33 -28.50 18.13
C ALA A 77 -12.81 -28.58 17.81
N SER A 78 -13.49 -27.43 17.78
CA SER A 78 -14.90 -27.39 17.54
C SER A 78 -15.27 -27.53 16.07
N MET A 79 -14.27 -27.64 15.18
CA MET A 79 -14.57 -27.62 13.77
C MET A 79 -14.41 -28.96 13.08
N PRO A 80 -15.55 -29.56 12.72
CA PRO A 80 -15.54 -30.85 12.01
C PRO A 80 -14.56 -30.85 10.83
N LEU A 81 -14.40 -29.67 10.20
CA LEU A 81 -13.56 -29.52 9.01
C LEU A 81 -12.11 -29.80 9.34
N PHE A 82 -11.68 -29.44 10.54
CA PHE A 82 -10.28 -29.71 10.95
C PHE A 82 -10.10 -31.06 11.66
N ALA A 83 -11.21 -31.78 11.84
CA ALA A 83 -11.20 -32.95 12.69
C ALA A 83 -10.00 -33.85 12.37
N ASN A 84 -9.96 -34.38 11.14
CA ASN A 84 -8.95 -35.42 10.84
C ASN A 84 -7.89 -35.01 9.83
N ALA A 85 -7.56 -33.71 9.82
CA ALA A 85 -6.90 -33.07 8.67
C ALA A 85 -5.44 -32.82 8.93
N ASP A 86 -4.74 -32.51 7.86
CA ASP A 86 -3.32 -32.23 7.93
C ASP A 86 -3.07 -30.95 8.71
N PRO A 87 -2.28 -31.04 9.79
CA PRO A 87 -2.00 -29.87 10.61
C PRO A 87 -1.51 -28.67 9.79
N ASN A 88 -0.75 -28.93 8.72
CA ASN A 88 -0.24 -27.83 7.90
C ASN A 88 -1.33 -27.13 7.14
N PHE A 89 -2.25 -27.91 6.60
CA PHE A 89 -3.48 -27.32 6.05
C PHE A 89 -4.18 -26.42 7.10
N VAL A 90 -4.25 -26.92 8.33
CA VAL A 90 -4.90 -26.21 9.42
C VAL A 90 -4.19 -24.89 9.65
N THR A 91 -2.89 -24.93 9.91
CA THR A 91 -2.09 -23.71 10.09
C THR A 91 -2.30 -22.71 8.93
N SER A 92 -2.16 -23.23 7.71
CA SER A 92 -2.37 -22.45 6.55
C SER A 92 -3.72 -21.72 6.60
N MET A 93 -4.82 -22.43 6.91
CA MET A 93 -6.12 -21.80 7.10
C MET A 93 -6.06 -20.73 8.18
N LEU A 94 -5.60 -21.06 9.36
CA LEU A 94 -5.62 -20.11 10.47
C LEU A 94 -4.93 -18.77 10.15
N THR A 95 -3.71 -18.82 9.62
CA THR A 95 -2.96 -17.61 9.25
C THR A 95 -3.68 -16.69 8.25
N LYS A 96 -4.69 -17.16 7.53
CA LYS A 96 -5.45 -16.27 6.65
C LYS A 96 -6.85 -15.82 7.15
N LEU A 97 -7.29 -16.26 8.34
CA LEU A 97 -8.61 -15.87 8.86
C LEU A 97 -8.51 -14.53 9.51
N ARG A 98 -9.59 -13.75 9.44
CA ARG A 98 -9.70 -12.43 10.08
C ARG A 98 -10.89 -12.43 11.06
N PHE A 99 -10.70 -11.89 12.26
CA PHE A 99 -11.70 -11.86 13.30
C PHE A 99 -12.77 -10.82 12.99
N GLU A 100 -14.04 -11.19 13.05
CA GLU A 100 -15.12 -10.22 12.90
C GLU A 100 -16.22 -10.32 13.95
N VAL A 101 -16.96 -9.27 14.23
CA VAL A 101 -18.03 -9.40 15.19
C VAL A 101 -19.25 -8.74 14.59
N PHE A 102 -20.39 -9.40 14.74
CA PHE A 102 -21.66 -8.94 14.23
C PHE A 102 -22.62 -8.86 15.39
N GLN A 103 -23.70 -8.12 15.23
CA GLN A 103 -24.64 -7.86 16.32
C GLN A 103 -25.94 -8.56 16.04
N PRO A 104 -26.76 -8.82 17.08
CA PRO A 104 -28.09 -9.42 16.80
C PRO A 104 -28.82 -8.67 15.68
N GLY A 105 -29.34 -9.37 14.69
CA GLY A 105 -30.05 -8.69 13.62
C GLY A 105 -29.21 -8.36 12.40
N ASP A 106 -27.90 -8.25 12.56
CA ASP A 106 -27.08 -7.88 11.40
C ASP A 106 -27.22 -8.94 10.31
N TYR A 107 -27.28 -8.50 9.05
CA TYR A 107 -27.17 -9.37 7.89
C TYR A 107 -25.71 -9.56 7.57
N ILE A 108 -25.16 -10.76 7.73
CA ILE A 108 -23.77 -11.04 7.40
C ILE A 108 -23.72 -11.34 5.91
N ILE A 109 -24.78 -11.87 5.37
CA ILE A 109 -24.83 -12.18 3.95
C ILE A 109 -26.27 -11.96 3.46
N ARG A 110 -26.43 -11.32 2.31
CA ARG A 110 -27.71 -11.23 1.63
C ARG A 110 -27.82 -12.02 0.34
N GLU A 111 -28.90 -12.77 0.23
CA GLU A 111 -29.16 -13.50 -1.00
C GLU A 111 -29.09 -12.59 -2.29
N GLY A 112 -28.39 -13.09 -3.32
CA GLY A 112 -28.40 -12.49 -4.64
C GLY A 112 -27.27 -11.51 -4.89
N THR A 113 -26.41 -11.42 -3.90
CA THR A 113 -25.28 -10.53 -3.84
C THR A 113 -24.04 -11.25 -4.30
N ILE A 114 -23.00 -10.50 -4.66
CA ILE A 114 -21.73 -11.06 -5.10
C ILE A 114 -20.98 -11.31 -3.83
N GLY A 115 -20.46 -12.53 -3.65
CA GLY A 115 -19.69 -12.87 -2.43
C GLY A 115 -18.21 -13.18 -2.63
N LYS A 116 -17.38 -12.71 -1.71
CA LYS A 116 -15.91 -12.89 -1.79
C LYS A 116 -15.31 -13.22 -0.40
N LYS A 117 -16.15 -13.74 0.49
CA LYS A 117 -15.83 -14.05 1.86
C LYS A 117 -16.66 -15.25 2.30
N MET A 118 -16.04 -16.14 3.07
CA MET A 118 -16.81 -17.12 3.85
C MET A 118 -16.43 -16.88 5.29
N TYR A 119 -17.10 -17.62 6.18
CA TYR A 119 -17.09 -17.38 7.61
C TYR A 119 -17.13 -18.66 8.42
N PHE A 120 -16.37 -18.68 9.52
CA PHE A 120 -16.28 -19.82 10.37
C PHE A 120 -16.77 -19.35 11.68
N ILE A 121 -17.79 -19.98 12.26
CA ILE A 121 -18.35 -19.51 13.53
C ILE A 121 -17.50 -19.94 14.69
N GLN A 122 -16.89 -18.99 15.39
CA GLN A 122 -16.26 -19.30 16.67
C GLN A 122 -17.29 -19.41 17.82
N HIS A 123 -18.03 -18.33 18.03
CA HIS A 123 -19.15 -18.40 18.94
C HIS A 123 -20.31 -17.59 18.39
N GLY A 124 -21.52 -18.18 18.49
CA GLY A 124 -22.76 -17.49 18.24
C GLY A 124 -23.71 -18.33 17.41
N VAL A 125 -24.86 -17.75 17.10
CA VAL A 125 -25.89 -18.40 16.36
C VAL A 125 -26.36 -17.54 15.18
N VAL A 126 -26.57 -18.19 14.06
CA VAL A 126 -26.83 -17.51 12.82
C VAL A 126 -28.03 -18.27 12.22
N SER A 127 -28.92 -17.53 11.55
CA SER A 127 -30.06 -18.13 10.80
C SER A 127 -29.82 -18.03 9.33
N VAL A 128 -30.17 -19.06 8.60
CA VAL A 128 -29.97 -19.10 7.17
C VAL A 128 -31.38 -18.98 6.55
N LEU A 129 -31.59 -17.89 5.83
CA LEU A 129 -32.87 -17.57 5.21
C LEU A 129 -32.84 -17.84 3.70
N THR A 130 -33.76 -18.63 3.21
CA THR A 130 -33.92 -18.70 1.76
C THR A 130 -35.34 -18.35 1.38
N LYS A 131 -35.42 -17.34 0.51
CA LYS A 131 -36.64 -17.04 -0.22
C LYS A 131 -37.36 -18.39 -0.47
N GLY A 132 -38.56 -18.50 0.10
CA GLY A 132 -39.47 -19.63 -0.13
C GLY A 132 -39.29 -20.88 0.73
N ASN A 133 -38.39 -20.83 1.69
CA ASN A 133 -38.18 -22.04 2.48
C ASN A 133 -38.17 -21.75 3.95
N LYS A 134 -38.17 -22.82 4.75
CA LYS A 134 -38.04 -22.66 6.18
C LYS A 134 -36.56 -22.22 6.45
N GLU A 135 -36.39 -21.28 7.36
CA GLU A 135 -35.10 -21.00 7.92
C GLU A 135 -34.47 -22.22 8.66
N THR A 136 -33.14 -22.41 8.51
CA THR A 136 -32.29 -23.27 9.38
C THR A 136 -31.32 -22.40 10.23
N LYS A 137 -30.55 -23.02 11.14
CA LYS A 137 -29.64 -22.25 11.98
C LYS A 137 -28.25 -22.87 12.00
N LEU A 138 -27.23 -22.06 12.30
CA LEU A 138 -25.88 -22.58 12.45
C LEU A 138 -25.22 -21.94 13.64
N ALA A 139 -24.25 -22.67 14.22
CA ALA A 139 -23.55 -22.21 15.42
C ALA A 139 -22.09 -22.63 15.55
N ASP A 140 -21.55 -22.64 16.76
CA ASP A 140 -20.11 -22.88 17.00
C ASP A 140 -19.62 -24.06 16.19
N GLY A 141 -18.59 -23.81 15.37
CA GLY A 141 -17.88 -24.89 14.65
C GLY A 141 -18.19 -24.96 13.16
N SER A 142 -19.30 -24.36 12.76
CA SER A 142 -19.73 -24.45 11.41
C SER A 142 -19.20 -23.28 10.61
N TYR A 143 -19.38 -23.40 9.30
CA TYR A 143 -19.01 -22.32 8.42
C TYR A 143 -20.06 -22.07 7.36
N PHE A 144 -20.01 -20.89 6.73
CA PHE A 144 -20.96 -20.54 5.67
C PHE A 144 -20.43 -19.54 4.69
N GLY A 145 -21.08 -19.49 3.55
CA GLY A 145 -20.62 -18.62 2.47
C GLY A 145 -19.59 -19.27 1.56
N GLU A 146 -19.45 -20.60 1.63
CA GLU A 146 -18.52 -21.35 0.75
C GLU A 146 -19.09 -21.55 -0.66
N ILE A 147 -20.42 -21.65 -0.75
CA ILE A 147 -21.07 -21.90 -2.06
C ILE A 147 -20.60 -20.88 -3.08
N CYS A 148 -20.75 -19.60 -2.76
CA CYS A 148 -20.27 -18.55 -3.65
C CYS A 148 -18.83 -18.63 -4.04
N LEU A 149 -17.96 -18.92 -3.06
CA LEU A 149 -16.53 -19.07 -3.36
C LEU A 149 -16.32 -20.18 -4.35
N LEU A 150 -17.17 -21.22 -4.31
CA LEU A 150 -17.02 -22.27 -5.29
C LEU A 150 -17.55 -21.80 -6.62
N THR A 151 -18.79 -21.28 -6.65
CA THR A 151 -19.45 -21.02 -7.94
C THR A 151 -19.00 -19.76 -8.60
N ARG A 152 -18.40 -18.88 -7.80
CA ARG A 152 -18.13 -17.48 -8.15
C ARG A 152 -19.35 -16.73 -8.59
N GLY A 153 -20.53 -17.16 -8.19
CA GLY A 153 -21.70 -16.40 -8.60
C GLY A 153 -22.17 -15.58 -7.43
N ARG A 154 -23.44 -15.70 -7.13
CA ARG A 154 -24.05 -14.87 -6.10
C ARG A 154 -24.58 -15.73 -4.94
N ARG A 155 -24.81 -15.05 -3.82
CA ARG A 155 -25.25 -15.65 -2.58
C ARG A 155 -26.51 -16.38 -2.84
N THR A 156 -26.58 -17.61 -2.37
CA THR A 156 -27.74 -18.40 -2.64
C THR A 156 -28.66 -18.29 -1.45
N ALA A 157 -28.35 -17.46 -0.45
CA ALA A 157 -29.22 -17.38 0.75
C ALA A 157 -28.77 -16.25 1.67
N SER A 158 -29.62 -15.77 2.58
CA SER A 158 -29.16 -14.73 3.44
C SER A 158 -28.74 -15.36 4.76
N VAL A 159 -27.88 -14.67 5.49
CA VAL A 159 -27.47 -15.18 6.74
C VAL A 159 -27.44 -14.00 7.72
N ARG A 160 -28.23 -14.12 8.80
CA ARG A 160 -28.52 -13.09 9.77
C ARG A 160 -28.05 -13.59 11.15
N ALA A 161 -27.46 -12.74 11.96
CA ALA A 161 -27.01 -13.13 13.28
C ALA A 161 -28.19 -13.10 14.24
N ASP A 162 -28.34 -14.16 15.04
CA ASP A 162 -29.36 -14.17 16.06
C ASP A 162 -28.77 -13.72 17.35
N THR A 163 -27.45 -13.83 17.51
CA THR A 163 -26.83 -13.46 18.77
C THR A 163 -25.64 -12.67 18.39
N TYR A 164 -24.92 -12.13 19.38
CA TYR A 164 -23.58 -11.60 19.14
C TYR A 164 -22.75 -12.74 18.48
N CYS A 165 -22.06 -12.45 17.38
CA CYS A 165 -21.35 -13.55 16.78
C CYS A 165 -19.91 -13.23 16.76
N ARG A 166 -19.08 -14.16 17.18
CA ARG A 166 -17.67 -13.95 16.95
C ARG A 166 -17.28 -14.83 15.78
N LEU A 167 -16.90 -14.21 14.68
CA LEU A 167 -16.65 -14.94 13.42
C LEU A 167 -15.20 -14.85 12.95
N TYR A 168 -14.83 -15.73 12.05
CA TYR A 168 -13.56 -15.56 11.35
C TYR A 168 -13.76 -15.62 9.84
N SER A 169 -13.63 -14.49 9.14
CA SER A 169 -13.83 -14.47 7.70
C SER A 169 -12.56 -14.94 7.01
N LEU A 170 -12.71 -15.34 5.74
CA LEU A 170 -11.65 -15.89 4.89
C LEU A 170 -12.00 -15.50 3.46
N SER A 171 -11.11 -14.80 2.77
CA SER A 171 -11.41 -14.24 1.47
C SER A 171 -11.28 -15.28 0.37
N VAL A 172 -11.94 -15.03 -0.75
CA VAL A 172 -11.89 -15.94 -1.92
C VAL A 172 -10.48 -16.20 -2.43
N ASP A 173 -9.66 -15.15 -2.50
CA ASP A 173 -8.29 -15.32 -2.96
C ASP A 173 -7.65 -16.25 -1.99
N ASN A 174 -7.85 -15.97 -0.69
CA ASN A 174 -7.20 -16.81 0.33
C ASN A 174 -7.68 -18.28 0.29
N PHE A 175 -9.00 -18.46 0.14
CA PHE A 175 -9.60 -19.76 -0.03
C PHE A 175 -8.92 -20.53 -1.18
N ASN A 176 -8.82 -19.88 -2.34
CA ASN A 176 -8.26 -20.56 -3.48
C ASN A 176 -6.80 -20.91 -3.32
N GLU A 177 -6.05 -20.03 -2.66
CA GLU A 177 -4.65 -20.29 -2.46
C GLU A 177 -4.48 -21.49 -1.57
N VAL A 178 -5.20 -21.50 -0.45
CA VAL A 178 -5.14 -22.64 0.43
C VAL A 178 -5.51 -23.88 -0.32
N LEU A 179 -6.58 -23.81 -1.11
CA LEU A 179 -7.05 -25.03 -1.80
C LEU A 179 -6.15 -25.52 -2.94
N GLU A 180 -5.46 -24.57 -3.60
CA GLU A 180 -4.33 -24.87 -4.48
C GLU A 180 -3.26 -25.73 -3.77
N GLU A 181 -2.76 -25.25 -2.61
CA GLU A 181 -1.78 -26.05 -1.84
C GLU A 181 -2.32 -27.37 -1.33
N TYR A 182 -3.64 -27.43 -1.09
CA TYR A 182 -4.27 -28.61 -0.43
C TYR A 182 -5.46 -29.07 -1.22
N PRO A 183 -5.19 -29.61 -2.43
CA PRO A 183 -6.20 -29.85 -3.46
C PRO A 183 -7.26 -30.81 -2.98
N MET A 184 -6.87 -31.69 -2.05
CA MET A 184 -7.81 -32.71 -1.54
CA MET A 184 -7.76 -32.72 -1.45
C MET A 184 -8.94 -32.12 -0.71
N MET A 185 -8.75 -30.91 -0.21
CA MET A 185 -9.72 -30.32 0.69
C MET A 185 -10.81 -29.59 -0.05
N ARG A 186 -10.62 -29.43 -1.37
CA ARG A 186 -11.67 -28.82 -2.17
C ARG A 186 -12.95 -29.68 -2.03
N ARG A 187 -12.81 -31.01 -2.14
CA ARG A 187 -13.95 -31.94 -1.95
C ARG A 187 -14.72 -31.72 -0.61
N ALA A 188 -14.06 -31.33 0.47
CA ALA A 188 -14.80 -31.21 1.67
C ALA A 188 -15.82 -30.12 1.49
N PHE A 189 -15.40 -28.99 0.93
CA PHE A 189 -16.30 -27.86 0.82
C PHE A 189 -17.47 -28.13 -0.17
N GLU A 190 -17.18 -28.82 -1.29
CA GLU A 190 -18.17 -29.16 -2.28
C GLU A 190 -19.26 -30.04 -1.66
N THR A 191 -18.82 -31.04 -0.90
CA THR A 191 -19.73 -31.91 -0.22
C THR A 191 -20.66 -31.13 0.70
N VAL A 192 -20.11 -30.32 1.59
CA VAL A 192 -20.98 -29.55 2.49
C VAL A 192 -21.88 -28.61 1.68
N ALA A 193 -21.39 -28.05 0.58
CA ALA A 193 -22.19 -27.10 -0.19
C ALA A 193 -23.35 -27.81 -0.84
N LEU A 194 -23.04 -28.91 -1.51
CA LEU A 194 -24.02 -29.79 -2.13
C LEU A 194 -25.05 -30.36 -1.20
N ASP A 195 -24.64 -30.87 -0.05
CA ASP A 195 -25.63 -31.34 0.92
C ASP A 195 -26.55 -30.21 1.34
N ARG A 196 -25.97 -29.05 1.64
CA ARG A 196 -26.75 -27.83 1.86
C ARG A 196 -27.69 -27.52 0.69
N LEU A 197 -27.24 -27.66 -0.53
CA LEU A 197 -28.13 -27.43 -1.65
C LEU A 197 -29.15 -28.58 -1.96
N ASP A 198 -28.81 -29.83 -1.62
CA ASP A 198 -29.68 -30.97 -1.84
C ASP A 198 -30.92 -30.96 -0.95
N ARG A 199 -30.87 -30.27 0.17
CA ARG A 199 -32.09 -30.18 1.00
C ARG A 199 -32.91 -28.92 0.68
N ASP B 7 -12.51 17.19 22.41
CA ASP B 7 -11.83 16.85 21.11
C ASP B 7 -10.40 17.40 20.95
N SER B 8 -9.41 16.50 20.93
CA SER B 8 -8.05 16.88 20.59
C SER B 8 -7.98 17.07 19.06
N SER B 9 -9.14 16.91 18.41
CA SER B 9 -9.31 17.12 16.97
C SER B 9 -9.40 18.62 16.67
N ARG B 10 -9.69 19.41 17.70
CA ARG B 10 -9.46 20.84 17.63
C ARG B 10 -7.95 21.09 17.79
N ARG B 11 -7.27 20.27 18.59
CA ARG B 11 -5.79 20.29 18.70
C ARG B 11 -5.15 20.02 17.34
N GLN B 12 -5.38 18.80 16.83
CA GLN B 12 -4.92 18.35 15.51
C GLN B 12 -5.03 19.43 14.45
N TYR B 13 -6.22 20.01 14.37
CA TYR B 13 -6.53 21.03 13.41
C TYR B 13 -5.51 22.13 13.55
N GLN B 14 -5.37 22.69 14.75
CA GLN B 14 -4.39 23.76 14.97
C GLN B 14 -2.97 23.27 14.63
N GLU B 15 -2.56 22.15 15.21
CA GLU B 15 -1.22 21.59 14.95
C GLU B 15 -1.01 21.42 13.46
N LYS B 16 -1.93 20.74 12.77
CA LYS B 16 -1.77 20.55 11.34
C LYS B 16 -1.81 21.88 10.57
N TYR B 17 -2.64 22.83 11.03
CA TYR B 17 -2.72 24.14 10.38
C TYR B 17 -1.48 25.00 10.60
N LYS B 18 -0.93 24.92 11.81
CA LYS B 18 0.38 25.55 12.11
C LYS B 18 1.46 25.04 11.16
N GLN B 19 1.47 23.72 10.93
CA GLN B 19 2.36 23.13 9.93
C GLN B 19 2.16 23.63 8.51
N VAL B 20 0.92 23.99 8.13
CA VAL B 20 0.69 24.56 6.80
C VAL B 20 1.35 25.93 6.70
N GLU B 21 1.16 26.72 7.76
CA GLU B 21 1.73 28.08 7.90
C GLU B 21 3.24 28.05 7.72
N GLN B 22 3.92 27.15 8.44
CA GLN B 22 5.38 27.06 8.30
C GLN B 22 5.73 26.76 6.85
N TYR B 23 5.05 25.79 6.23
CA TYR B 23 5.19 25.49 4.79
C TYR B 23 4.98 26.74 3.93
N MET B 24 4.03 27.58 4.35
CA MET B 24 3.66 28.72 3.54
C MET B 24 4.71 29.81 3.64
N SER B 25 5.04 30.16 4.87
CA SER B 25 6.20 31.02 5.14
C SER B 25 7.41 30.48 4.39
N PHE B 26 7.76 29.21 4.63
CA PHE B 26 8.96 28.66 4.02
C PHE B 26 9.07 28.90 2.52
N HIS B 27 8.01 28.62 1.78
CA HIS B 27 8.07 28.73 0.33
C HIS B 27 7.76 30.13 -0.15
N LYS B 28 7.42 30.98 0.82
CA LYS B 28 6.97 32.38 0.61
C LYS B 28 5.88 32.73 -0.42
N LEU B 29 4.68 32.22 -0.14
CA LEU B 29 3.59 32.17 -1.11
C LEU B 29 2.91 33.53 -1.12
N PRO B 30 2.48 33.99 -2.29
CA PRO B 30 1.93 35.31 -2.38
C PRO B 30 0.67 35.43 -1.51
N PRO B 31 0.40 36.62 -0.98
CA PRO B 31 -0.71 36.68 -0.04
C PRO B 31 -2.04 36.09 -0.55
N ASP B 32 -2.31 36.18 -1.87
CA ASP B 32 -3.56 35.59 -2.37
CA ASP B 32 -3.54 35.57 -2.45
C ASP B 32 -3.56 34.04 -2.24
N THR B 33 -2.51 33.37 -2.73
CA THR B 33 -2.37 31.93 -2.54
C THR B 33 -2.58 31.47 -1.08
N ARG B 34 -1.98 32.18 -0.13
CA ARG B 34 -2.17 31.92 1.29
C ARG B 34 -3.62 32.05 1.73
N GLN B 35 -4.36 32.93 1.08
CA GLN B 35 -5.71 33.22 1.53
C GLN B 35 -6.53 32.02 1.09
N ARG B 36 -6.25 31.55 -0.11
CA ARG B 36 -7.03 30.43 -0.66
C ARG B 36 -6.71 29.17 0.13
N ILE B 37 -5.44 28.89 0.34
CA ILE B 37 -5.10 27.77 1.22
C ILE B 37 -5.87 27.88 2.54
N HIS B 38 -5.70 29.00 3.24
CA HIS B 38 -6.33 29.24 4.56
C HIS B 38 -7.80 28.94 4.56
N ASP B 39 -8.49 29.51 3.56
CA ASP B 39 -9.93 29.40 3.42
C ASP B 39 -10.38 27.99 3.07
N TYR B 40 -9.73 27.35 2.09
CA TYR B 40 -10.01 25.96 1.74
C TYR B 40 -10.02 25.15 3.03
N TYR B 41 -8.98 25.37 3.80
CA TYR B 41 -8.69 24.58 4.93
C TYR B 41 -9.81 24.71 5.94
N GLU B 42 -10.36 25.91 6.00
CA GLU B 42 -11.34 26.23 7.02
C GLU B 42 -12.64 25.57 6.59
N HIS B 43 -13.00 25.75 5.33
CA HIS B 43 -14.15 25.06 4.71
C HIS B 43 -14.08 23.56 4.69
N ARG B 44 -12.89 23.02 4.46
CA ARG B 44 -12.70 21.57 4.36
C ARG B 44 -12.71 20.85 5.72
N TYR B 45 -12.07 21.46 6.70
CA TYR B 45 -11.88 20.81 7.99
C TYR B 45 -12.74 21.39 9.06
N GLN B 46 -13.16 22.63 8.84
CA GLN B 46 -14.05 23.35 9.73
C GLN B 46 -13.62 23.17 11.15
N GLY B 47 -12.43 23.69 11.46
CA GLY B 47 -11.88 23.65 12.82
C GLY B 47 -11.56 22.30 13.44
N LYS B 48 -11.98 21.21 12.78
CA LYS B 48 -11.82 19.85 13.29
C LYS B 48 -10.96 19.00 12.34
N MET B 49 -10.03 18.22 12.90
CA MET B 49 -9.28 17.24 12.11
C MET B 49 -9.23 15.88 12.77
N PHE B 50 -9.97 14.92 12.21
CA PHE B 50 -9.81 13.55 12.66
C PHE B 50 -9.77 12.50 11.57
N ASP B 51 -9.62 11.25 12.00
CA ASP B 51 -9.36 10.16 11.10
C ASP B 51 -10.60 9.25 10.96
N GLU B 52 -11.62 9.82 10.32
CA GLU B 52 -12.85 9.11 9.97
CA GLU B 52 -12.86 9.09 10.03
C GLU B 52 -12.56 7.65 9.59
N GLU B 53 -11.84 7.49 8.46
CA GLU B 53 -11.56 6.19 7.89
CA GLU B 53 -11.35 6.21 7.89
C GLU B 53 -11.15 5.12 8.91
N SER B 54 -10.50 5.52 10.00
CA SER B 54 -9.95 4.58 10.96
C SER B 54 -10.91 4.23 12.06
N ILE B 55 -11.83 5.16 12.33
CA ILE B 55 -12.95 4.90 13.23
C ILE B 55 -13.93 3.88 12.61
N LEU B 56 -14.48 4.21 11.47
CA LEU B 56 -15.35 3.31 10.78
C LEU B 56 -14.61 2.01 10.62
N GLY B 57 -13.28 2.14 10.55
CA GLY B 57 -12.39 1.01 10.34
C GLY B 57 -12.34 0.12 11.55
N GLU B 58 -12.76 0.63 12.69
CA GLU B 58 -12.78 -0.20 13.89
C GLU B 58 -14.15 -0.80 14.17
N LEU B 59 -15.11 -0.57 13.29
CA LEU B 59 -16.45 -1.10 13.51
C LEU B 59 -16.82 -2.19 12.47
N SER B 60 -17.98 -2.81 12.62
CA SER B 60 -18.42 -3.74 11.63
C SER B 60 -19.02 -3.06 10.40
N GLU B 61 -18.97 -3.75 9.27
CA GLU B 61 -19.67 -3.32 8.06
C GLU B 61 -21.15 -2.93 8.31
N PRO B 62 -21.92 -3.70 9.09
CA PRO B 62 -23.30 -3.19 9.25
C PRO B 62 -23.40 -1.87 10.00
N LEU B 63 -22.50 -1.62 10.95
CA LEU B 63 -22.42 -0.33 11.61
C LEU B 63 -21.96 0.79 10.68
N ARG B 64 -20.87 0.58 9.93
CA ARG B 64 -20.47 1.58 8.93
CA ARG B 64 -20.46 1.51 8.87
C ARG B 64 -21.67 1.94 8.06
N GLU B 65 -22.38 0.90 7.56
CA GLU B 65 -23.49 1.11 6.67
C GLU B 65 -24.62 1.88 7.34
N GLU B 66 -24.86 1.64 8.62
CA GLU B 66 -25.93 2.38 9.32
C GLU B 66 -25.48 3.82 9.52
N ILE B 67 -24.26 4.02 10.04
CA ILE B 67 -23.67 5.33 10.22
C ILE B 67 -23.73 6.13 8.94
N ILE B 68 -23.11 5.63 7.86
CA ILE B 68 -23.19 6.32 6.57
C ILE B 68 -24.64 6.64 6.10
N ASN B 69 -25.52 5.66 6.16
CA ASN B 69 -26.86 5.88 5.65
C ASN B 69 -27.54 7.04 6.35
N PHE B 70 -27.24 7.18 7.65
CA PHE B 70 -27.70 8.31 8.42
C PHE B 70 -26.96 9.56 7.91
N ASN B 71 -25.67 9.64 8.22
CA ASN B 71 -24.85 10.72 7.68
C ASN B 71 -25.26 11.22 6.29
N CSO B 72 -25.67 10.32 5.38
CA CSO B 72 -26.05 10.77 4.05
CB CSO B 72 -25.27 10.05 2.92
SG CSO B 72 -23.52 9.97 3.30
C CSO B 72 -27.52 10.79 3.71
O CSO B 72 -27.88 10.78 2.54
OD CSO B 72 -22.63 11.25 2.39
N ARG B 73 -28.40 10.92 4.68
CA ARG B 73 -29.79 10.89 4.26
C ARG B 73 -30.30 12.10 3.43
N LYS B 74 -29.75 13.29 3.71
CA LYS B 74 -30.09 14.47 2.91
C LYS B 74 -29.48 14.32 1.53
N LEU B 75 -28.18 14.10 1.48
CA LEU B 75 -27.58 13.84 0.18
C LEU B 75 -28.48 12.86 -0.59
N VAL B 76 -28.77 11.67 -0.04
CA VAL B 76 -29.67 10.68 -0.71
C VAL B 76 -31.00 11.29 -1.09
N ALA B 77 -31.62 11.99 -0.13
CA ALA B 77 -32.89 12.68 -0.35
C ALA B 77 -32.80 13.56 -1.59
N SER B 78 -31.66 14.25 -1.72
CA SER B 78 -31.45 15.26 -2.74
C SER B 78 -31.25 14.70 -4.14
N MET B 79 -31.06 13.39 -4.26
CA MET B 79 -30.66 12.81 -5.55
C MET B 79 -31.70 11.97 -6.28
N PRO B 80 -32.21 12.48 -7.40
CA PRO B 80 -33.16 11.74 -8.30
C PRO B 80 -32.73 10.27 -8.56
N LEU B 81 -31.45 10.09 -8.90
CA LEU B 81 -30.78 8.79 -8.96
C LEU B 81 -31.20 7.78 -7.90
N PHE B 82 -31.15 8.20 -6.64
CA PHE B 82 -31.38 7.32 -5.52
C PHE B 82 -32.86 7.25 -5.11
N ALA B 83 -33.74 7.84 -5.92
CA ALA B 83 -35.15 8.00 -5.53
C ALA B 83 -35.81 6.65 -5.36
N ASN B 84 -35.94 5.88 -6.42
CA ASN B 84 -36.55 4.61 -6.18
C ASN B 84 -35.53 3.56 -6.53
N ALA B 85 -34.45 3.58 -5.77
CA ALA B 85 -33.36 2.65 -6.02
C ALA B 85 -33.36 1.53 -4.99
N ASP B 86 -32.87 0.35 -5.37
CA ASP B 86 -32.72 -0.68 -4.38
C ASP B 86 -31.79 -0.16 -3.26
N PRO B 87 -32.33 0.00 -2.05
CA PRO B 87 -31.61 0.65 -0.95
C PRO B 87 -30.20 0.04 -0.67
N ASN B 88 -29.96 -1.20 -1.08
CA ASN B 88 -28.63 -1.82 -0.88
C ASN B 88 -27.66 -1.27 -1.90
N PHE B 89 -28.21 -0.74 -2.99
CA PHE B 89 -27.37 -0.15 -4.00
C PHE B 89 -26.91 1.28 -3.54
N VAL B 90 -27.84 2.02 -2.92
CA VAL B 90 -27.55 3.29 -2.38
C VAL B 90 -26.40 3.12 -1.38
N THR B 91 -26.55 2.19 -0.44
CA THR B 91 -25.51 1.90 0.57
C THR B 91 -24.18 1.61 -0.09
N SER B 92 -24.18 0.67 -1.04
CA SER B 92 -22.96 0.32 -1.78
C SER B 92 -22.28 1.54 -2.39
N MET B 93 -23.02 2.40 -3.09
CA MET B 93 -22.49 3.67 -3.57
C MET B 93 -21.94 4.57 -2.45
N LEU B 94 -22.76 4.77 -1.43
CA LEU B 94 -22.38 5.60 -0.32
C LEU B 94 -21.04 5.23 0.36
N THR B 95 -20.72 3.95 0.47
CA THR B 95 -19.58 3.59 1.30
C THR B 95 -18.28 3.79 0.52
N LYS B 96 -18.42 4.16 -0.74
CA LYS B 96 -17.27 4.36 -1.59
C LYS B 96 -17.02 5.83 -1.99
N LEU B 97 -17.87 6.75 -1.50
CA LEU B 97 -17.74 8.16 -1.83
C LEU B 97 -16.69 8.83 -0.95
N ARG B 98 -15.86 9.68 -1.53
CA ARG B 98 -14.91 10.44 -0.73
C ARG B 98 -15.22 11.93 -0.80
N PHE B 99 -15.46 12.53 0.36
CA PHE B 99 -15.75 13.96 0.47
C PHE B 99 -14.65 14.79 -0.09
N GLU B 100 -14.98 15.85 -0.82
CA GLU B 100 -13.98 16.75 -1.39
C GLU B 100 -14.50 18.18 -1.39
N VAL B 101 -13.63 19.17 -1.23
CA VAL B 101 -14.04 20.57 -1.25
C VAL B 101 -13.38 21.26 -2.41
N PHE B 102 -14.09 22.16 -3.08
CA PHE B 102 -13.47 23.00 -4.11
C PHE B 102 -13.89 24.45 -3.98
N GLN B 103 -13.14 25.31 -4.64
CA GLN B 103 -13.30 26.75 -4.46
C GLN B 103 -13.81 27.47 -5.70
N PRO B 104 -14.43 28.63 -5.51
CA PRO B 104 -14.85 29.42 -6.65
C PRO B 104 -13.71 29.44 -7.66
N GLY B 105 -13.94 29.06 -8.91
CA GLY B 105 -12.90 29.22 -9.93
C GLY B 105 -12.05 27.98 -10.21
N ASP B 106 -12.00 27.06 -9.23
CA ASP B 106 -11.42 25.71 -9.44
C ASP B 106 -11.93 24.99 -10.68
N TYR B 107 -11.04 24.52 -11.54
CA TYR B 107 -11.47 23.56 -12.57
C TYR B 107 -11.42 22.14 -11.97
N ILE B 108 -12.59 21.59 -11.64
CA ILE B 108 -12.74 20.26 -11.10
C ILE B 108 -12.37 19.30 -12.22
N ILE B 109 -12.81 19.62 -13.43
CA ILE B 109 -12.57 18.73 -14.60
C ILE B 109 -12.19 19.64 -15.75
N ARG B 110 -11.11 19.28 -16.48
CA ARG B 110 -10.69 19.93 -17.72
CA ARG B 110 -10.79 19.96 -17.71
C ARG B 110 -11.04 19.02 -18.90
N GLU B 111 -11.71 19.56 -19.91
CA GLU B 111 -12.07 18.83 -21.11
C GLU B 111 -10.80 18.31 -21.75
N GLY B 112 -10.86 17.11 -22.36
CA GLY B 112 -9.67 16.49 -22.96
C GLY B 112 -8.84 15.58 -22.05
N THR B 113 -8.83 15.83 -20.74
CA THR B 113 -8.20 14.95 -19.76
C THR B 113 -8.80 13.55 -19.71
N ILE B 114 -8.07 12.66 -19.07
CA ILE B 114 -8.49 11.28 -18.93
C ILE B 114 -9.13 11.28 -17.55
N GLY B 115 -10.44 11.02 -17.50
CA GLY B 115 -11.18 10.98 -16.23
C GLY B 115 -11.14 9.69 -15.44
N LYS B 116 -10.92 9.78 -14.13
CA LYS B 116 -10.93 8.58 -13.28
C LYS B 116 -11.91 8.66 -12.10
N LYS B 117 -12.71 9.70 -12.04
CA LYS B 117 -13.62 9.92 -10.94
C LYS B 117 -14.90 10.50 -11.51
N MET B 118 -15.97 10.40 -10.74
CA MET B 118 -17.16 11.20 -11.00
C MET B 118 -17.53 11.85 -9.67
N TYR B 119 -18.49 12.79 -9.71
CA TYR B 119 -18.80 13.61 -8.55
C TYR B 119 -20.28 13.82 -8.38
N PHE B 120 -20.70 13.75 -7.14
CA PHE B 120 -22.05 14.02 -6.74
C PHE B 120 -22.11 15.33 -5.93
N ILE B 121 -22.89 16.29 -6.44
CA ILE B 121 -22.97 17.54 -5.70
C ILE B 121 -23.81 17.50 -4.42
N GLN B 122 -23.13 17.66 -3.31
CA GLN B 122 -23.80 17.77 -2.05
C GLN B 122 -24.31 19.20 -1.87
N HIS B 123 -23.45 20.19 -2.07
CA HIS B 123 -23.86 21.61 -2.02
C HIS B 123 -22.91 22.46 -2.87
N GLY B 124 -23.43 23.30 -3.75
CA GLY B 124 -22.57 24.02 -4.65
C GLY B 124 -23.26 24.27 -5.99
N VAL B 125 -22.68 25.17 -6.77
CA VAL B 125 -23.04 25.39 -8.18
C VAL B 125 -21.77 25.24 -8.99
N VAL B 126 -21.90 24.56 -10.12
CA VAL B 126 -20.78 24.25 -10.99
C VAL B 126 -21.16 24.71 -12.40
N SER B 127 -20.21 25.21 -13.18
CA SER B 127 -20.53 25.46 -14.57
C SER B 127 -19.86 24.43 -15.43
N VAL B 128 -20.55 24.10 -16.52
CA VAL B 128 -20.18 23.05 -17.42
C VAL B 128 -19.92 23.74 -18.75
N LEU B 129 -18.68 23.65 -19.23
CA LEU B 129 -18.24 24.38 -20.43
C LEU B 129 -17.94 23.49 -21.59
N THR B 130 -18.59 23.74 -22.71
CA THR B 130 -18.31 22.97 -23.89
C THR B 130 -17.75 23.82 -25.03
N LYS B 131 -16.60 23.40 -25.56
CA LYS B 131 -15.88 24.10 -26.65
C LYS B 131 -16.80 24.34 -27.84
N GLY B 132 -17.24 25.60 -27.95
CA GLY B 132 -18.26 25.98 -28.92
C GLY B 132 -19.51 26.47 -28.21
N ASN B 133 -20.18 25.56 -27.50
CA ASN B 133 -21.50 25.86 -26.92
C ASN B 133 -21.49 26.67 -25.63
N LYS B 134 -22.69 26.79 -25.09
CA LYS B 134 -22.99 27.73 -24.03
C LYS B 134 -22.83 27.00 -22.70
N GLU B 135 -22.47 27.74 -21.67
CA GLU B 135 -22.47 27.12 -20.39
C GLU B 135 -23.85 26.69 -19.89
N THR B 136 -23.84 25.57 -19.17
CA THR B 136 -24.95 25.21 -18.31
C THR B 136 -24.41 24.92 -16.91
N LYS B 137 -25.32 24.71 -15.97
CA LYS B 137 -24.94 24.67 -14.56
C LYS B 137 -25.53 23.46 -13.92
N LEU B 138 -24.83 22.92 -12.95
CA LEU B 138 -25.36 21.83 -12.17
C LEU B 138 -25.26 22.26 -10.73
N ALA B 139 -26.13 21.69 -9.88
CA ALA B 139 -26.18 22.03 -8.43
C ALA B 139 -26.53 20.87 -7.48
N ASP B 140 -26.80 21.19 -6.23
CA ASP B 140 -27.17 20.24 -5.17
C ASP B 140 -27.92 19.05 -5.72
N GLY B 141 -27.39 17.87 -5.57
CA GLY B 141 -28.17 16.70 -5.95
C GLY B 141 -27.93 16.18 -7.36
N SER B 142 -27.11 16.85 -8.16
CA SER B 142 -26.73 16.37 -9.45
C SER B 142 -25.31 15.78 -9.41
N TYR B 143 -24.92 15.17 -10.52
CA TYR B 143 -23.61 14.58 -10.57
C TYR B 143 -23.03 14.76 -11.94
N PHE B 144 -21.72 14.54 -12.07
CA PHE B 144 -21.06 14.76 -13.35
C PHE B 144 -19.79 14.01 -13.32
N GLY B 145 -19.20 13.75 -14.51
CA GLY B 145 -17.99 12.94 -14.61
C GLY B 145 -18.28 11.51 -15.03
N GLU B 146 -19.54 11.13 -15.15
CA GLU B 146 -19.87 9.74 -15.43
C GLU B 146 -19.49 9.31 -16.83
N ILE B 147 -19.55 10.23 -17.79
CA ILE B 147 -19.33 9.85 -19.19
C ILE B 147 -17.97 9.17 -19.35
N CYS B 148 -16.92 9.85 -18.89
CA CYS B 148 -15.62 9.22 -18.90
C CYS B 148 -15.55 7.86 -18.27
N LEU B 149 -16.22 7.67 -17.14
CA LEU B 149 -16.25 6.39 -16.51
C LEU B 149 -16.94 5.35 -17.39
N LEU B 150 -17.95 5.73 -18.14
CA LEU B 150 -18.67 4.73 -18.94
C LEU B 150 -17.94 4.43 -20.21
N THR B 151 -17.27 5.43 -20.78
CA THR B 151 -16.47 5.19 -21.95
C THR B 151 -15.07 5.51 -21.55
N ARG B 152 -14.21 4.50 -21.34
CA ARG B 152 -12.93 4.74 -20.66
C ARG B 152 -12.10 5.65 -21.56
N GLY B 153 -12.40 6.95 -21.56
CA GLY B 153 -12.10 7.84 -22.70
C GLY B 153 -11.80 9.22 -22.19
N ARG B 154 -11.94 10.23 -23.04
CA ARG B 154 -11.60 11.61 -22.64
C ARG B 154 -12.74 12.49 -22.11
N ARG B 155 -12.39 13.55 -21.35
CA ARG B 155 -13.39 14.43 -20.78
C ARG B 155 -13.99 15.24 -21.87
N THR B 156 -15.33 15.13 -21.96
CA THR B 156 -16.11 15.79 -23.03
C THR B 156 -16.47 17.20 -22.71
N ALA B 157 -16.05 17.71 -21.55
CA ALA B 157 -16.44 19.03 -21.10
C ALA B 157 -15.59 19.48 -19.93
N SER B 158 -15.47 20.78 -19.75
CA SER B 158 -14.89 21.24 -18.53
C SER B 158 -15.97 21.53 -17.46
N VAL B 159 -15.58 21.50 -16.21
CA VAL B 159 -16.49 21.67 -15.16
C VAL B 159 -15.73 22.49 -14.13
N ARG B 160 -16.21 23.74 -13.92
CA ARG B 160 -15.57 24.73 -13.10
C ARG B 160 -16.52 25.04 -11.99
N ALA B 161 -16.01 25.36 -10.81
CA ALA B 161 -16.85 25.63 -9.68
C ALA B 161 -17.20 27.12 -9.60
N ASP B 162 -18.52 27.37 -9.49
CA ASP B 162 -18.98 28.73 -9.33
C ASP B 162 -18.89 29.14 -7.91
N THR B 163 -19.04 28.26 -6.95
CA THR B 163 -19.15 28.66 -5.54
C THR B 163 -18.22 27.76 -4.73
N TYR B 164 -18.17 27.90 -3.41
CA TYR B 164 -17.56 26.80 -2.66
C TYR B 164 -18.43 25.57 -2.94
N CYS B 165 -17.80 24.46 -3.34
CA CYS B 165 -18.57 23.20 -3.49
C CYS B 165 -18.20 22.07 -2.54
N ARG B 166 -19.20 21.41 -1.99
CA ARG B 166 -18.98 20.21 -1.21
C ARG B 166 -19.43 19.07 -2.09
N LEU B 167 -18.45 18.32 -2.56
CA LEU B 167 -18.65 17.24 -3.53
C LEU B 167 -18.37 15.87 -2.92
N TYR B 168 -18.97 14.82 -3.48
CA TYR B 168 -18.54 13.48 -3.13
C TYR B 168 -18.11 12.78 -4.38
N SER B 169 -16.83 12.41 -4.44
CA SER B 169 -16.33 11.67 -5.62
C SER B 169 -16.37 10.12 -5.48
N LEU B 170 -16.44 9.47 -6.65
CA LEU B 170 -16.48 8.02 -6.78
C LEU B 170 -15.47 7.58 -7.86
N SER B 171 -14.48 6.79 -7.51
CA SER B 171 -13.48 6.44 -8.54
C SER B 171 -14.05 5.46 -9.55
N VAL B 172 -13.43 5.31 -10.70
CA VAL B 172 -13.94 4.39 -11.72
C VAL B 172 -13.91 2.96 -11.22
N ASP B 173 -12.93 2.63 -10.38
CA ASP B 173 -12.90 1.28 -9.81
C ASP B 173 -14.12 0.99 -8.98
N ASN B 174 -14.45 1.89 -8.05
CA ASN B 174 -15.61 1.72 -7.21
C ASN B 174 -16.88 1.75 -8.06
N PHE B 175 -16.84 2.58 -9.10
CA PHE B 175 -17.98 2.77 -9.97
C PHE B 175 -18.28 1.43 -10.63
N ASN B 176 -17.24 0.84 -11.24
CA ASN B 176 -17.35 -0.45 -11.90
C ASN B 176 -17.66 -1.56 -10.94
N GLU B 177 -17.24 -1.45 -9.69
CA GLU B 177 -17.67 -2.43 -8.74
C GLU B 177 -19.16 -2.31 -8.42
N VAL B 178 -19.63 -1.14 -8.08
CA VAL B 178 -21.02 -1.04 -7.73
C VAL B 178 -21.89 -1.56 -8.87
N LEU B 179 -21.43 -1.38 -10.10
CA LEU B 179 -22.23 -1.77 -11.27
C LEU B 179 -22.15 -3.24 -11.61
N GLU B 180 -21.02 -3.87 -11.33
CA GLU B 180 -20.86 -5.32 -11.37
C GLU B 180 -21.97 -5.87 -10.46
N GLU B 181 -22.00 -5.40 -9.22
CA GLU B 181 -23.05 -5.73 -8.26
C GLU B 181 -24.45 -5.40 -8.76
N TYR B 182 -24.63 -4.25 -9.41
CA TYR B 182 -25.94 -3.79 -9.86
C TYR B 182 -25.88 -3.41 -11.30
N PRO B 183 -25.74 -4.40 -12.19
CA PRO B 183 -25.79 -4.14 -13.64
C PRO B 183 -27.05 -3.40 -14.10
N MET B 184 -28.18 -3.58 -13.44
CA MET B 184 -29.36 -2.79 -13.84
C MET B 184 -29.00 -1.29 -13.92
N MET B 185 -28.09 -0.86 -13.03
CA MET B 185 -27.95 0.58 -12.76
C MET B 185 -27.05 1.28 -13.77
N ARG B 186 -26.15 0.54 -14.44
CA ARG B 186 -25.32 1.07 -15.51
C ARG B 186 -26.16 1.82 -16.61
N ARG B 187 -27.46 1.66 -16.55
CA ARG B 187 -28.31 2.13 -17.62
C ARG B 187 -28.92 3.48 -17.23
N ALA B 188 -29.24 3.63 -15.96
CA ALA B 188 -29.55 4.94 -15.46
C ALA B 188 -28.39 5.87 -15.80
N PHE B 189 -27.17 5.36 -15.82
CA PHE B 189 -26.04 6.25 -16.07
C PHE B 189 -25.89 6.51 -17.56
N GLU B 190 -25.96 5.47 -18.38
CA GLU B 190 -25.93 5.62 -19.81
C GLU B 190 -26.99 6.59 -20.30
N THR B 191 -28.22 6.44 -19.84
CA THR B 191 -29.30 7.37 -20.22
C THR B 191 -28.87 8.83 -20.12
N VAL B 192 -28.43 9.24 -18.95
CA VAL B 192 -28.02 10.63 -18.70
C VAL B 192 -26.79 11.01 -19.53
N ALA B 193 -25.84 10.09 -19.63
CA ALA B 193 -24.65 10.36 -20.40
C ALA B 193 -25.05 10.72 -21.82
N LEU B 194 -25.94 9.91 -22.41
CA LEU B 194 -26.31 10.06 -23.81
C LEU B 194 -27.09 11.32 -23.96
N ASP B 195 -28.11 11.49 -23.11
CA ASP B 195 -28.87 12.76 -23.05
C ASP B 195 -27.95 13.96 -23.10
N ARG B 196 -26.86 13.93 -22.36
CA ARG B 196 -26.02 15.11 -22.20
C ARG B 196 -25.13 15.30 -23.42
N LEU B 197 -24.80 14.18 -24.05
CA LEU B 197 -23.96 14.22 -25.23
C LEU B 197 -24.70 14.72 -26.46
N ASP B 198 -26.01 14.47 -26.53
CA ASP B 198 -26.76 14.75 -27.77
C ASP B 198 -27.60 16.05 -27.78
N ARG B 199 -27.37 16.92 -26.79
CA ARG B 199 -28.20 18.10 -26.70
C ARG B 199 -27.66 19.40 -27.34
N ASP C 7 22.80 4.85 21.83
CA ASP C 7 21.72 3.82 21.96
C ASP C 7 20.40 4.41 22.52
N SER C 8 19.57 4.94 21.61
CA SER C 8 18.18 5.24 21.90
C SER C 8 17.40 4.08 21.31
N SER C 9 18.16 3.28 20.56
CA SER C 9 17.73 2.02 19.98
C SER C 9 17.85 0.90 21.00
N ARG C 10 18.50 1.18 22.13
CA ARG C 10 18.46 0.27 23.26
C ARG C 10 17.10 0.42 23.95
N ARG C 11 16.68 1.67 24.13
CA ARG C 11 15.34 2.00 24.66
C ARG C 11 14.25 1.21 23.92
N GLN C 12 14.17 1.37 22.58
CA GLN C 12 13.16 0.75 21.69
C GLN C 12 13.00 -0.76 21.89
N TYR C 13 14.11 -1.48 21.78
CA TYR C 13 14.13 -2.87 22.10
C TYR C 13 13.37 -3.18 23.38
N GLN C 14 13.69 -2.51 24.49
CA GLN C 14 13.00 -2.76 25.76
C GLN C 14 11.53 -2.34 25.70
N GLU C 15 11.27 -1.17 25.09
CA GLU C 15 9.88 -0.64 24.99
C GLU C 15 9.01 -1.62 24.22
N LYS C 16 9.57 -2.13 23.11
CA LYS C 16 8.87 -3.10 22.28
C LYS C 16 8.80 -4.51 22.88
N TYR C 17 9.81 -4.94 23.64
CA TYR C 17 9.72 -6.24 24.32
C TYR C 17 8.77 -6.25 25.51
N LYS C 18 8.62 -5.10 26.15
CA LYS C 18 7.60 -4.98 27.16
C LYS C 18 6.25 -5.26 26.47
N GLN C 19 6.00 -4.64 25.33
CA GLN C 19 4.76 -4.89 24.56
C GLN C 19 4.47 -6.37 24.22
N VAL C 20 5.50 -7.14 23.95
CA VAL C 20 5.36 -8.55 23.64
C VAL C 20 5.06 -9.37 24.91
N GLU C 21 5.66 -9.01 26.04
CA GLU C 21 5.31 -9.70 27.29
C GLU C 21 3.84 -9.52 27.67
N GLN C 22 3.29 -8.33 27.48
CA GLN C 22 1.86 -8.18 27.70
C GLN C 22 1.03 -8.99 26.70
N TYR C 23 1.62 -9.29 25.53
CA TYR C 23 0.90 -10.06 24.52
C TYR C 23 0.88 -11.51 24.93
N MET C 24 2.02 -12.00 25.37
CA MET C 24 2.15 -13.38 25.79
C MET C 24 1.30 -13.65 27.04
N SER C 25 1.35 -12.73 28.00
CA SER C 25 0.45 -12.67 29.16
C SER C 25 -1.01 -12.83 28.76
N PHE C 26 -1.48 -11.82 28.03
CA PHE C 26 -2.85 -11.75 27.64
C PHE C 26 -3.32 -13.07 27.02
N HIS C 27 -2.46 -13.73 26.25
CA HIS C 27 -2.81 -15.03 25.62
C HIS C 27 -2.33 -16.25 26.41
N LYS C 28 -1.74 -16.05 27.59
CA LYS C 28 -1.30 -17.17 28.42
C LYS C 28 -0.59 -18.25 27.60
N LEU C 29 0.44 -17.86 26.88
CA LEU C 29 1.24 -18.81 26.12
C LEU C 29 2.03 -19.70 27.09
N PRO C 30 2.19 -20.98 26.76
CA PRO C 30 2.96 -21.85 27.65
C PRO C 30 4.39 -21.36 27.85
N PRO C 31 4.99 -21.64 29.01
CA PRO C 31 6.40 -21.29 29.28
C PRO C 31 7.37 -21.67 28.14
N ASP C 32 7.25 -22.84 27.54
CA ASP C 32 8.11 -23.15 26.38
C ASP C 32 7.99 -22.09 25.27
N THR C 33 6.76 -21.75 24.89
CA THR C 33 6.52 -20.82 23.81
C THR C 33 7.14 -19.47 24.10
N ARG C 34 6.96 -19.00 25.32
CA ARG C 34 7.61 -17.77 25.77
C ARG C 34 9.15 -17.84 25.76
N GLN C 35 9.70 -19.01 26.08
CA GLN C 35 11.12 -19.24 25.92
C GLN C 35 11.56 -18.98 24.48
N ARG C 36 10.90 -19.64 23.54
CA ARG C 36 11.14 -19.42 22.11
C ARG C 36 10.99 -17.96 21.67
N ILE C 37 9.84 -17.37 21.93
CA ILE C 37 9.66 -16.01 21.47
C ILE C 37 10.80 -15.18 21.99
N HIS C 38 11.14 -15.40 23.24
CA HIS C 38 12.10 -14.51 23.89
C HIS C 38 13.48 -14.68 23.31
N ASP C 39 13.88 -15.93 23.01
CA ASP C 39 15.21 -16.20 22.51
C ASP C 39 15.33 -15.74 21.09
N TYR C 40 14.21 -15.74 20.37
CA TYR C 40 14.22 -15.39 18.97
C TYR C 40 14.51 -13.93 18.90
N TYR C 41 13.81 -13.20 19.74
CA TYR C 41 13.76 -11.76 19.74
C TYR C 41 15.13 -11.25 20.09
N GLU C 42 15.81 -12.00 20.96
CA GLU C 42 17.16 -11.74 21.35
C GLU C 42 18.10 -11.96 20.15
N HIS C 43 18.03 -13.08 19.46
CA HIS C 43 18.89 -13.29 18.28
C HIS C 43 18.62 -12.36 17.09
N ARG C 44 17.37 -11.94 16.95
CA ARG C 44 17.01 -11.23 15.79
C ARG C 44 17.37 -9.72 15.85
N TYR C 45 17.18 -9.12 17.02
CA TYR C 45 17.40 -7.71 17.25
C TYR C 45 18.64 -7.47 18.13
N GLN C 46 19.07 -8.55 18.81
CA GLN C 46 20.39 -8.56 19.46
C GLN C 46 20.53 -7.31 20.28
N GLY C 47 19.65 -7.11 21.25
CA GLY C 47 19.69 -5.90 22.07
C GLY C 47 19.13 -4.58 21.55
N LYS C 48 18.93 -4.42 20.23
CA LYS C 48 18.57 -3.10 19.65
C LYS C 48 17.52 -3.09 18.53
N MET C 49 16.67 -2.07 18.53
CA MET C 49 15.67 -1.90 17.47
C MET C 49 15.78 -0.52 16.76
N PHE C 50 15.82 -0.51 15.44
CA PHE C 50 15.84 0.76 14.68
C PHE C 50 15.23 0.68 13.31
N ASP C 51 14.85 1.84 12.80
CA ASP C 51 14.24 1.92 11.49
C ASP C 51 15.31 2.06 10.42
N GLU C 52 16.08 1.01 10.27
CA GLU C 52 17.15 1.00 9.30
C GLU C 52 16.66 1.49 7.92
N GLU C 53 15.52 0.97 7.48
CA GLU C 53 15.02 1.28 6.16
C GLU C 53 14.66 2.74 6.03
N SER C 54 14.22 3.38 7.10
CA SER C 54 13.86 4.78 6.95
C SER C 54 15.08 5.68 6.97
N ILE C 55 16.21 5.14 7.36
CA ILE C 55 17.43 5.93 7.30
C ILE C 55 17.81 5.89 5.86
N LEU C 56 17.96 4.68 5.32
CA LEU C 56 18.43 4.50 3.96
C LEU C 56 17.47 5.16 3.01
N GLY C 57 16.21 5.20 3.39
CA GLY C 57 15.18 5.81 2.56
C GLY C 57 15.44 7.27 2.36
N GLU C 58 16.05 7.92 3.36
CA GLU C 58 16.40 9.33 3.32
C GLU C 58 17.64 9.66 2.48
N LEU C 59 18.43 8.67 2.04
CA LEU C 59 19.70 8.95 1.39
C LEU C 59 19.59 8.76 -0.12
N SER C 60 20.55 9.22 -0.91
CA SER C 60 20.56 8.86 -2.31
C SER C 60 20.79 7.37 -2.58
N GLU C 61 20.43 6.94 -3.80
CA GLU C 61 20.65 5.57 -4.22
C GLU C 61 22.16 5.23 -4.16
N PRO C 62 23.04 6.12 -4.66
CA PRO C 62 24.44 5.74 -4.54
C PRO C 62 24.87 5.54 -3.10
N LEU C 63 24.50 6.44 -2.19
CA LEU C 63 24.94 6.20 -0.82
C LEU C 63 24.46 4.85 -0.30
N ARG C 64 23.19 4.54 -0.46
CA ARG C 64 22.64 3.25 -0.10
CA ARG C 64 22.63 3.25 -0.11
C ARG C 64 23.55 2.12 -0.63
N GLU C 65 23.90 2.18 -1.89
CA GLU C 65 24.72 1.13 -2.51
C GLU C 65 26.10 1.07 -1.86
N GLU C 66 26.74 2.20 -1.61
CA GLU C 66 28.04 2.17 -0.97
C GLU C 66 27.87 1.50 0.40
N ILE C 67 26.98 2.06 1.20
CA ILE C 67 26.73 1.63 2.55
C ILE C 67 26.42 0.15 2.56
N ILE C 68 25.50 -0.30 1.73
CA ILE C 68 25.15 -1.73 1.72
C ILE C 68 26.34 -2.63 1.35
N ASN C 69 27.13 -2.24 0.35
CA ASN C 69 28.33 -2.98 -0.03
C ASN C 69 29.35 -3.17 1.13
N PHE C 70 29.61 -2.10 1.87
CA PHE C 70 30.42 -2.17 3.08
C PHE C 70 29.89 -3.21 4.07
N ASN C 71 28.63 -3.05 4.47
CA ASN C 71 28.04 -3.86 5.49
C ASN C 71 28.07 -5.31 5.09
N CSO C 72 27.94 -5.58 3.77
CA CSO C 72 27.90 -6.97 3.28
CB CSO C 72 26.64 -7.22 2.45
SG CSO C 72 25.16 -6.66 3.31
C CSO C 72 29.17 -7.55 2.60
O CSO C 72 29.14 -8.64 2.02
OD CSO C 72 24.11 -8.11 3.62
N ARG C 73 30.30 -6.85 2.68
CA ARG C 73 31.46 -7.36 1.97
C ARG C 73 31.84 -8.73 2.51
N LYS C 74 31.74 -8.94 3.83
CA LYS C 74 31.91 -10.32 4.41
C LYS C 74 30.91 -11.35 3.82
N LEU C 75 29.62 -11.11 3.94
CA LEU C 75 28.64 -12.03 3.37
C LEU C 75 28.89 -12.35 1.89
N VAL C 76 29.52 -11.43 1.17
CA VAL C 76 29.68 -11.53 -0.28
C VAL C 76 30.88 -12.40 -0.65
N ALA C 77 31.95 -12.20 0.11
CA ALA C 77 33.23 -12.91 -0.08
C ALA C 77 32.98 -14.37 0.26
N SER C 78 32.21 -14.55 1.31
CA SER C 78 31.77 -15.84 1.72
C SER C 78 30.57 -16.34 0.91
N MET C 79 30.24 -15.68 -0.18
CA MET C 79 29.15 -16.17 -1.02
C MET C 79 29.58 -16.60 -2.42
N PRO C 80 29.73 -17.89 -2.61
CA PRO C 80 30.20 -18.31 -3.92
C PRO C 80 29.64 -17.44 -5.08
N LEU C 81 28.33 -17.25 -5.13
CA LEU C 81 27.64 -16.70 -6.29
C LEU C 81 27.83 -15.19 -6.51
N PHE C 82 28.24 -14.51 -5.44
CA PHE C 82 28.41 -13.07 -5.44
C PHE C 82 29.86 -12.69 -5.60
N ALA C 83 30.71 -13.28 -4.75
CA ALA C 83 32.17 -13.14 -4.87
C ALA C 83 32.62 -13.22 -6.33
N ASN C 84 31.90 -14.02 -7.13
CA ASN C 84 32.36 -14.35 -8.47
C ASN C 84 31.80 -13.47 -9.58
N ALA C 85 30.78 -12.69 -9.22
CA ALA C 85 29.91 -12.09 -10.22
C ALA C 85 30.22 -10.64 -10.54
N ASP C 86 29.58 -10.15 -11.58
CA ASP C 86 29.54 -8.72 -11.86
C ASP C 86 29.04 -8.00 -10.58
N PRO C 87 29.89 -7.11 -10.02
CA PRO C 87 29.62 -6.32 -8.79
C PRO C 87 28.32 -5.53 -8.78
N ASN C 88 27.78 -5.25 -9.97
CA ASN C 88 26.53 -4.48 -10.08
C ASN C 88 25.32 -5.36 -9.78
N PHE C 89 25.37 -6.57 -10.34
CA PHE C 89 24.40 -7.59 -10.07
C PHE C 89 24.40 -7.79 -8.57
N VAL C 90 25.58 -7.92 -7.99
CA VAL C 90 25.76 -8.13 -6.56
C VAL C 90 25.09 -7.04 -5.76
N THR C 91 25.40 -5.79 -6.11
CA THR C 91 24.85 -4.61 -5.42
C THR C 91 23.33 -4.60 -5.46
N SER C 92 22.78 -4.85 -6.64
CA SER C 92 21.33 -4.89 -6.84
C SER C 92 20.65 -6.00 -6.04
N MET C 93 21.32 -7.16 -5.91
CA MET C 93 20.80 -8.27 -5.12
C MET C 93 20.83 -7.83 -3.68
N LEU C 94 22.01 -7.40 -3.24
CA LEU C 94 22.22 -6.95 -1.88
C LEU C 94 21.15 -5.93 -1.42
N THR C 95 20.81 -4.94 -2.23
CA THR C 95 19.87 -3.89 -1.81
C THR C 95 18.51 -4.48 -1.58
N LYS C 96 18.23 -5.65 -2.13
CA LYS C 96 16.91 -6.22 -2.00
C LYS C 96 16.80 -7.30 -0.91
N LEU C 97 17.90 -7.55 -0.20
CA LEU C 97 17.94 -8.63 0.77
C LEU C 97 17.35 -8.23 2.10
N ARG C 98 16.47 -9.07 2.65
CA ARG C 98 15.89 -8.85 4.01
C ARG C 98 16.52 -9.82 5.01
N PHE C 99 17.08 -9.31 6.10
CA PHE C 99 17.70 -10.14 7.16
C PHE C 99 16.64 -10.95 7.89
N GLU C 100 16.88 -12.24 8.06
CA GLU C 100 15.93 -13.13 8.77
C GLU C 100 16.60 -14.19 9.67
N VAL C 101 15.97 -14.46 10.82
CA VAL C 101 16.44 -15.49 11.78
C VAL C 101 15.46 -16.66 11.85
N PHE C 102 15.95 -17.89 11.87
CA PHE C 102 15.08 -19.05 12.11
C PHE C 102 15.68 -19.89 13.22
N GLN C 103 14.86 -20.75 13.85
CA GLN C 103 15.24 -21.46 15.10
C GLN C 103 15.34 -22.94 14.85
N PRO C 104 16.16 -23.69 15.63
CA PRO C 104 16.30 -25.16 15.44
C PRO C 104 14.96 -25.87 15.29
N GLY C 105 14.75 -26.59 14.20
CA GLY C 105 13.52 -27.28 13.98
C GLY C 105 12.46 -26.57 13.16
N ASP C 106 12.57 -25.23 13.04
CA ASP C 106 11.66 -24.47 12.19
C ASP C 106 11.63 -24.93 10.73
N TYR C 107 10.44 -25.05 10.18
CA TYR C 107 10.25 -25.29 8.77
C TYR C 107 10.28 -23.97 8.01
N ILE C 108 11.39 -23.71 7.34
CA ILE C 108 11.59 -22.49 6.58
C ILE C 108 10.79 -22.51 5.30
N ILE C 109 10.79 -23.65 4.61
CA ILE C 109 9.97 -23.92 3.42
C ILE C 109 9.32 -25.30 3.63
N ARG C 110 8.03 -25.43 3.30
CA ARG C 110 7.33 -26.69 3.47
CA ARG C 110 7.35 -26.71 3.49
C ARG C 110 6.99 -27.19 2.11
N GLU C 111 7.32 -28.45 1.82
CA GLU C 111 7.02 -28.97 0.48
C GLU C 111 5.55 -28.85 0.18
N GLY C 112 5.23 -28.54 -1.07
CA GLY C 112 3.83 -28.36 -1.51
C GLY C 112 3.29 -26.92 -1.47
N THR C 113 3.90 -26.08 -0.63
CA THR C 113 3.55 -24.68 -0.49
C THR C 113 3.74 -23.92 -1.79
N ILE C 114 3.10 -22.76 -1.91
CA ILE C 114 3.47 -21.87 -3.00
C ILE C 114 4.53 -20.92 -2.47
N GLY C 115 5.64 -20.81 -3.21
CA GLY C 115 6.86 -20.19 -2.72
C GLY C 115 6.92 -18.76 -3.11
N LYS C 116 7.24 -17.92 -2.14
CA LYS C 116 7.25 -16.49 -2.36
C LYS C 116 8.65 -15.85 -2.19
N LYS C 117 9.51 -16.52 -1.45
CA LYS C 117 10.85 -16.05 -1.15
C LYS C 117 11.87 -17.10 -1.59
N MET C 118 13.13 -16.70 -1.66
CA MET C 118 14.26 -17.65 -1.70
C MET C 118 15.23 -17.18 -0.64
N TYR C 119 16.20 -18.00 -0.26
CA TYR C 119 16.99 -17.64 0.90
C TYR C 119 18.49 -17.78 0.74
N PHE C 120 19.23 -16.90 1.40
CA PHE C 120 20.71 -17.03 1.42
C PHE C 120 21.26 -17.28 2.82
N ILE C 121 22.16 -18.27 2.92
CA ILE C 121 22.68 -18.66 4.21
C ILE C 121 23.91 -17.86 4.67
N GLN C 122 23.69 -16.96 5.59
CA GLN C 122 24.80 -16.27 6.18
C GLN C 122 25.43 -17.14 7.24
N HIS C 123 24.64 -17.55 8.24
CA HIS C 123 25.13 -18.52 9.25
C HIS C 123 24.08 -19.57 9.60
N GLY C 124 24.41 -20.84 9.45
CA GLY C 124 23.49 -21.87 9.90
C GLY C 124 23.55 -23.07 9.00
N VAL C 125 22.84 -24.12 9.42
CA VAL C 125 22.74 -25.39 8.72
C VAL C 125 21.27 -25.72 8.69
N VAL C 126 20.87 -26.48 7.69
CA VAL C 126 19.53 -26.57 7.20
C VAL C 126 19.42 -27.95 6.52
N SER C 127 18.29 -28.65 6.69
CA SER C 127 18.12 -29.95 5.99
C SER C 127 17.11 -29.84 4.89
N VAL C 128 17.37 -30.49 3.76
CA VAL C 128 16.49 -30.46 2.62
C VAL C 128 15.90 -31.83 2.58
N LEU C 129 14.60 -31.89 2.85
CA LEU C 129 13.89 -33.16 2.93
C LEU C 129 12.93 -33.33 1.78
N THR C 130 13.25 -34.29 0.90
CA THR C 130 12.39 -34.71 -0.22
C THR C 130 11.74 -36.05 0.11
N LYS C 131 10.54 -36.29 -0.40
CA LYS C 131 9.77 -37.44 0.10
C LYS C 131 10.12 -38.87 -0.46
N GLY C 132 10.81 -39.63 0.39
CA GLY C 132 11.21 -41.03 0.13
C GLY C 132 12.71 -41.31 0.25
N ASN C 133 13.50 -40.24 0.39
CA ASN C 133 14.95 -40.32 0.33
C ASN C 133 15.65 -39.64 1.50
N LYS C 134 16.93 -39.97 1.66
CA LYS C 134 17.78 -39.35 2.68
C LYS C 134 17.82 -37.85 2.47
N GLU C 135 17.73 -37.12 3.58
CA GLU C 135 17.91 -35.69 3.55
C GLU C 135 19.35 -35.31 3.17
N THR C 136 19.51 -34.08 2.69
CA THR C 136 20.85 -33.52 2.48
C THR C 136 20.93 -32.19 3.20
N LYS C 137 22.13 -31.64 3.29
CA LYS C 137 22.33 -30.44 4.09
C LYS C 137 22.80 -29.25 3.25
N LEU C 138 22.55 -28.03 3.72
CA LEU C 138 23.13 -26.83 3.13
C LEU C 138 23.61 -25.96 4.27
N ALA C 139 24.75 -25.29 4.11
CA ALA C 139 25.19 -24.38 5.18
C ALA C 139 25.66 -23.00 4.73
N ASP C 140 26.48 -22.34 5.55
CA ASP C 140 26.99 -21.00 5.22
C ASP C 140 27.49 -20.98 3.76
N GLY C 141 27.04 -19.98 3.01
CA GLY C 141 27.41 -19.83 1.60
C GLY C 141 26.42 -20.35 0.56
N SER C 142 25.52 -21.24 0.95
CA SER C 142 24.62 -21.80 -0.03
C SER C 142 23.28 -21.07 -0.02
N TYR C 143 22.39 -21.48 -0.92
CA TYR C 143 21.07 -20.85 -0.99
C TYR C 143 20.02 -21.82 -1.51
N PHE C 144 18.77 -21.60 -1.15
CA PHE C 144 17.71 -22.54 -1.55
C PHE C 144 16.46 -21.81 -1.83
N GLY C 145 15.54 -22.46 -2.50
CA GLY C 145 14.21 -21.93 -2.70
C GLY C 145 14.02 -21.29 -4.07
N GLU C 146 15.08 -21.31 -4.89
CA GLU C 146 15.10 -20.65 -6.19
C GLU C 146 14.22 -21.36 -7.20
N ILE C 147 13.93 -22.64 -6.95
CA ILE C 147 13.23 -23.43 -7.94
C ILE C 147 11.87 -22.79 -8.17
N CYS C 148 11.04 -22.73 -7.13
CA CYS C 148 9.71 -22.12 -7.26
C CYS C 148 9.72 -20.71 -7.73
N LEU C 149 10.83 -19.99 -7.54
CA LEU C 149 10.90 -18.62 -8.05
C LEU C 149 11.01 -18.59 -9.56
N LEU C 150 11.60 -19.65 -10.13
CA LEU C 150 11.87 -19.76 -11.58
C LEU C 150 10.62 -20.21 -12.36
N THR C 151 9.87 -21.13 -11.80
CA THR C 151 8.59 -21.53 -12.39
C THR C 151 7.59 -21.49 -11.27
N ARG C 152 6.78 -20.43 -11.23
CA ARG C 152 5.83 -20.33 -10.15
C ARG C 152 5.22 -21.70 -9.99
N GLY C 153 5.06 -22.14 -8.76
CA GLY C 153 4.85 -23.56 -8.55
C GLY C 153 4.95 -23.99 -7.10
N ARG C 154 4.64 -25.25 -6.84
CA ARG C 154 4.55 -25.66 -5.47
C ARG C 154 5.94 -26.11 -5.05
N ARG C 155 6.34 -25.82 -3.81
CA ARG C 155 7.68 -26.16 -3.31
C ARG C 155 8.06 -27.62 -3.53
N THR C 156 9.32 -27.87 -3.92
CA THR C 156 9.72 -29.24 -4.28
C THR C 156 10.38 -30.05 -3.17
N ALA C 157 10.45 -29.49 -1.96
CA ALA C 157 11.27 -30.07 -0.89
C ALA C 157 10.95 -29.28 0.34
N SER C 158 11.14 -29.86 1.52
CA SER C 158 11.00 -29.09 2.70
C SER C 158 12.39 -28.74 3.24
N VAL C 159 12.52 -27.61 3.93
CA VAL C 159 13.82 -27.15 4.36
C VAL C 159 13.63 -26.67 5.76
N ARG C 160 14.32 -27.35 6.66
CA ARG C 160 14.10 -27.25 8.09
C ARG C 160 15.40 -26.81 8.68
N ALA C 161 15.34 -25.84 9.60
CA ALA C 161 16.55 -25.27 10.22
C ALA C 161 17.15 -26.31 11.18
N ASP C 162 18.42 -26.62 11.05
CA ASP C 162 18.98 -27.58 11.99
C ASP C 162 19.56 -26.86 13.16
N THR C 163 19.83 -25.58 13.01
CA THR C 163 20.40 -24.82 14.09
C THR C 163 19.88 -23.42 13.97
N TYR C 164 20.20 -22.51 14.88
CA TYR C 164 19.94 -21.10 14.58
C TYR C 164 20.52 -20.77 13.20
N CYS C 165 19.69 -20.13 12.36
CA CYS C 165 20.08 -19.70 11.04
C CYS C 165 19.87 -18.18 10.90
N ARG C 166 20.96 -17.51 10.49
CA ARG C 166 20.83 -16.13 10.05
C ARG C 166 20.81 -16.16 8.53
N LEU C 167 19.66 -15.79 7.98
CA LEU C 167 19.38 -15.88 6.54
C LEU C 167 19.09 -14.51 5.97
N TYR C 168 19.27 -14.38 4.67
CA TYR C 168 18.77 -13.22 3.96
C TYR C 168 17.85 -13.70 2.89
N SER C 169 16.63 -13.19 2.92
CA SER C 169 15.62 -13.64 1.97
C SER C 169 15.56 -12.69 0.82
N LEU C 170 14.98 -13.16 -0.27
CA LEU C 170 14.77 -12.34 -1.42
C LEU C 170 13.39 -12.75 -1.93
N SER C 171 12.49 -11.80 -2.02
CA SER C 171 11.12 -12.12 -2.47
C SER C 171 11.14 -12.44 -3.96
N VAL C 172 10.05 -13.03 -4.39
CA VAL C 172 9.89 -13.34 -5.78
C VAL C 172 9.91 -12.06 -6.64
N ASP C 173 9.28 -10.96 -6.19
CA ASP C 173 9.24 -9.75 -7.06
C ASP C 173 10.66 -9.29 -7.22
N ASN C 174 11.38 -9.16 -6.11
CA ASN C 174 12.72 -8.61 -6.20
C ASN C 174 13.66 -9.47 -7.06
N PHE C 175 13.37 -10.79 -7.11
CA PHE C 175 14.21 -11.76 -7.80
C PHE C 175 14.03 -11.53 -9.24
N ASN C 176 12.76 -11.46 -9.64
CA ASN C 176 12.35 -11.07 -10.98
C ASN C 176 12.91 -9.70 -11.42
N GLU C 177 12.91 -8.70 -10.52
CA GLU C 177 13.37 -7.35 -10.84
C GLU C 177 14.82 -7.41 -11.19
N VAL C 178 15.55 -8.25 -10.49
CA VAL C 178 16.98 -8.34 -10.59
C VAL C 178 17.43 -9.04 -11.84
N LEU C 179 16.71 -10.12 -12.18
CA LEU C 179 17.03 -10.87 -13.38
C LEU C 179 16.50 -10.17 -14.62
N GLU C 180 15.63 -9.20 -14.42
CA GLU C 180 15.25 -8.31 -15.50
C GLU C 180 16.42 -7.36 -15.77
N GLU C 181 17.00 -6.81 -14.70
CA GLU C 181 18.20 -5.97 -14.75
C GLU C 181 19.37 -6.78 -15.34
N TYR C 182 19.61 -8.00 -14.85
CA TYR C 182 20.77 -8.83 -15.22
C TYR C 182 20.33 -10.19 -15.70
N PRO C 183 19.69 -10.23 -16.90
CA PRO C 183 19.09 -11.49 -17.27
C PRO C 183 20.15 -12.53 -17.67
N MET C 184 21.40 -12.13 -17.84
CA MET C 184 22.46 -13.11 -18.14
C MET C 184 22.70 -14.02 -16.97
N MET C 185 22.23 -13.58 -15.80
CA MET C 185 22.37 -14.32 -14.55
C MET C 185 21.29 -15.36 -14.28
N ARG C 186 20.25 -15.44 -15.11
CA ARG C 186 19.16 -16.41 -14.88
C ARG C 186 19.60 -17.86 -15.11
N ARG C 187 20.44 -18.12 -16.12
CA ARG C 187 20.86 -19.47 -16.44
C ARG C 187 21.63 -20.07 -15.29
N ALA C 188 22.18 -19.19 -14.45
CA ALA C 188 23.05 -19.58 -13.35
C ALA C 188 22.18 -20.17 -12.28
N PHE C 189 20.98 -19.62 -12.14
CA PHE C 189 20.02 -20.18 -11.23
C PHE C 189 19.34 -21.38 -11.82
N GLU C 190 19.06 -21.33 -13.13
CA GLU C 190 18.41 -22.44 -13.83
CA GLU C 190 18.42 -22.45 -13.82
C GLU C 190 19.27 -23.72 -13.68
N THR C 191 20.54 -23.66 -14.03
CA THR C 191 21.46 -24.79 -13.89
C THR C 191 21.37 -25.43 -12.49
N VAL C 192 21.48 -24.62 -11.44
CA VAL C 192 21.33 -25.10 -10.08
C VAL C 192 19.96 -25.73 -9.86
N ALA C 193 18.89 -25.09 -10.31
CA ALA C 193 17.54 -25.69 -10.17
C ALA C 193 17.56 -27.05 -10.77
N LEU C 194 18.23 -27.13 -11.92
CA LEU C 194 18.16 -28.31 -12.76
C LEU C 194 18.89 -29.44 -12.10
N ASP C 195 20.12 -29.19 -11.64
CA ASP C 195 20.90 -30.18 -10.88
C ASP C 195 20.08 -30.71 -9.74
N ARG C 196 19.51 -29.80 -8.97
CA ARG C 196 18.79 -30.21 -7.79
C ARG C 196 17.64 -31.13 -8.12
N LEU C 197 16.99 -30.88 -9.24
CA LEU C 197 15.75 -31.54 -9.54
C LEU C 197 15.89 -32.98 -10.00
N ASP C 198 17.11 -33.38 -10.39
CA ASP C 198 17.30 -34.68 -11.01
C ASP C 198 18.02 -35.65 -10.08
N ARG C 199 18.48 -35.12 -8.95
CA ARG C 199 19.39 -35.85 -8.04
C ARG C 199 18.75 -36.25 -6.71
N ASP D 7 9.83 27.84 12.27
CA ASP D 7 10.66 26.60 12.17
C ASP D 7 10.63 25.68 13.41
N SER D 8 9.84 24.62 13.28
CA SER D 8 9.76 23.49 14.20
C SER D 8 10.49 22.34 13.52
N SER D 9 10.54 22.41 12.20
CA SER D 9 11.11 21.37 11.38
C SER D 9 12.59 21.64 11.09
N ARG D 10 13.18 22.60 11.81
CA ARG D 10 14.61 22.63 11.96
C ARG D 10 14.86 21.42 12.84
N ARG D 11 14.15 21.33 13.97
CA ARG D 11 14.31 20.23 14.94
C ARG D 11 14.27 18.81 14.35
N GLN D 12 13.31 18.59 13.46
CA GLN D 12 13.19 17.34 12.71
C GLN D 12 14.55 16.89 12.12
N TYR D 13 15.05 17.71 11.18
CA TYR D 13 16.37 17.54 10.61
C TYR D 13 17.38 17.18 11.70
N GLN D 14 17.44 17.99 12.75
CA GLN D 14 18.48 17.83 13.78
C GLN D 14 18.36 16.51 14.53
N GLU D 15 17.12 16.05 14.73
CA GLU D 15 16.82 14.81 15.47
C GLU D 15 17.02 13.57 14.62
N LYS D 16 16.47 13.58 13.41
CA LYS D 16 16.66 12.50 12.48
C LYS D 16 18.14 12.32 12.17
N TYR D 17 18.89 13.41 12.05
CA TYR D 17 20.30 13.25 11.75
C TYR D 17 21.05 12.52 12.86
N LYS D 18 20.64 12.73 14.10
CA LYS D 18 21.27 12.03 15.19
C LYS D 18 21.04 10.50 15.05
N GLN D 19 19.86 10.11 14.58
CA GLN D 19 19.58 8.75 14.17
C GLN D 19 20.52 8.26 13.04
N VAL D 20 20.82 9.15 12.10
CA VAL D 20 21.77 8.83 11.04
C VAL D 20 23.14 8.61 11.69
N GLU D 21 23.35 9.29 12.80
CA GLU D 21 24.61 9.20 13.50
C GLU D 21 24.79 7.83 14.15
N GLN D 22 23.83 7.45 15.00
CA GLN D 22 23.80 6.10 15.56
C GLN D 22 23.99 5.03 14.47
N TYR D 23 23.37 5.25 13.30
CA TYR D 23 23.45 4.29 12.20
C TYR D 23 24.89 4.06 11.77
N MET D 24 25.64 5.13 11.55
CA MET D 24 27.00 5.05 11.04
C MET D 24 27.92 4.45 12.07
N SER D 25 27.59 4.68 13.33
CA SER D 25 28.38 4.16 14.42
C SER D 25 28.19 2.65 14.43
N PHE D 26 26.93 2.23 14.45
CA PHE D 26 26.63 0.83 14.60
C PHE D 26 27.30 0.00 13.50
N HIS D 27 27.40 0.53 12.28
CA HIS D 27 27.97 -0.25 11.18
C HIS D 27 29.42 0.08 10.90
N LYS D 28 30.02 0.90 11.79
CA LYS D 28 31.45 1.31 11.73
C LYS D 28 31.81 1.68 10.30
N LEU D 29 31.19 2.72 9.79
CA LEU D 29 31.37 3.11 8.43
C LEU D 29 32.67 3.89 8.36
N PRO D 30 33.39 3.78 7.23
CA PRO D 30 34.66 4.48 7.00
C PRO D 30 34.52 5.96 7.13
N PRO D 31 35.57 6.63 7.61
CA PRO D 31 35.54 8.11 7.66
C PRO D 31 35.05 8.79 6.36
N ASP D 32 35.52 8.31 5.19
CA ASP D 32 35.12 8.94 3.92
CA ASP D 32 35.13 8.92 3.90
C ASP D 32 33.63 8.78 3.61
N THR D 33 33.05 7.65 4.02
CA THR D 33 31.62 7.37 3.84
C THR D 33 30.80 8.30 4.71
N ARG D 34 31.14 8.36 6.00
CA ARG D 34 30.46 9.27 6.93
C ARG D 34 30.46 10.71 6.46
N GLN D 35 31.60 11.18 5.92
CA GLN D 35 31.70 12.57 5.49
C GLN D 35 30.71 12.79 4.36
N ARG D 36 30.76 11.87 3.39
CA ARG D 36 29.79 11.78 2.27
C ARG D 36 28.32 11.83 2.73
N ILE D 37 27.93 11.06 3.73
CA ILE D 37 26.56 11.10 4.21
C ILE D 37 26.24 12.43 4.87
N HIS D 38 27.09 12.84 5.81
CA HIS D 38 26.97 14.14 6.48
C HIS D 38 26.76 15.14 5.36
N ASP D 39 27.66 15.19 4.39
CA ASP D 39 27.51 16.16 3.32
C ASP D 39 26.18 16.06 2.54
N TYR D 40 25.78 14.84 2.13
CA TYR D 40 24.50 14.62 1.42
C TYR D 40 23.30 15.13 2.22
N TYR D 41 23.22 14.68 3.46
CA TYR D 41 22.14 15.08 4.33
C TYR D 41 22.08 16.61 4.52
N GLU D 42 23.24 17.24 4.39
CA GLU D 42 23.32 18.68 4.50
C GLU D 42 22.76 19.38 3.26
N HIS D 43 23.18 18.94 2.07
CA HIS D 43 22.65 19.53 0.86
C HIS D 43 21.18 19.26 0.64
N ARG D 44 20.72 18.06 0.98
CA ARG D 44 19.39 17.59 0.62
C ARG D 44 18.32 18.28 1.44
N TYR D 45 18.61 18.53 2.72
CA TYR D 45 17.62 19.06 3.64
C TYR D 45 17.86 20.52 4.08
N GLN D 46 19.11 20.98 3.99
CA GLN D 46 19.45 22.38 4.29
C GLN D 46 18.97 22.84 5.68
N GLY D 47 19.21 22.00 6.68
CA GLY D 47 18.81 22.22 8.07
C GLY D 47 17.34 22.00 8.38
N LYS D 48 16.55 21.60 7.36
CA LYS D 48 15.07 21.58 7.43
C LYS D 48 14.34 20.29 6.90
N MET D 49 13.76 19.52 7.84
CA MET D 49 12.96 18.29 7.53
C MET D 49 11.49 18.37 7.95
N PHE D 50 10.57 18.20 6.99
CA PHE D 50 9.13 18.28 7.23
C PHE D 50 8.37 17.45 6.22
N ASP D 51 7.15 17.05 6.57
CA ASP D 51 6.39 16.19 5.67
C ASP D 51 5.69 17.01 4.60
N GLU D 52 6.29 17.09 3.41
CA GLU D 52 5.67 17.75 2.29
C GLU D 52 4.44 16.98 1.84
N GLU D 53 4.63 15.73 1.40
CA GLU D 53 3.52 14.87 0.92
C GLU D 53 2.24 15.04 1.76
N SER D 54 2.41 14.91 3.08
CA SER D 54 1.33 14.95 4.08
C SER D 54 0.47 16.21 4.01
N ILE D 55 1.08 17.30 3.55
CA ILE D 55 0.47 18.61 3.55
C ILE D 55 -0.22 18.84 2.22
N LEU D 56 0.51 18.72 1.13
CA LEU D 56 -0.14 18.84 -0.15
C LEU D 56 -1.29 17.85 -0.24
N GLY D 57 -1.19 16.81 0.59
CA GLY D 57 -2.16 15.74 0.64
C GLY D 57 -3.47 16.22 1.19
N GLU D 58 -3.42 17.27 1.97
CA GLU D 58 -4.60 17.76 2.66
C GLU D 58 -5.42 18.75 1.87
N LEU D 59 -4.85 19.22 0.78
CA LEU D 59 -5.40 20.29 0.01
C LEU D 59 -5.99 19.70 -1.20
N SER D 60 -6.85 20.46 -1.86
CA SER D 60 -7.39 20.10 -3.14
C SER D 60 -6.32 20.00 -4.23
N GLU D 61 -6.64 19.29 -5.31
CA GLU D 61 -5.76 19.23 -6.47
C GLU D 61 -5.45 20.65 -7.00
N PRO D 62 -6.48 21.49 -7.25
CA PRO D 62 -6.17 22.80 -7.83
C PRO D 62 -5.23 23.65 -6.99
N LEU D 63 -5.27 23.45 -5.69
CA LEU D 63 -4.39 24.20 -4.83
C LEU D 63 -2.99 23.66 -4.95
N ARG D 64 -2.86 22.35 -4.80
CA ARG D 64 -1.60 21.65 -5.09
C ARG D 64 -0.97 22.17 -6.36
N GLU D 65 -1.78 22.39 -7.39
CA GLU D 65 -1.27 22.87 -8.67
C GLU D 65 -0.92 24.37 -8.63
N GLU D 66 -1.60 25.16 -7.81
CA GLU D 66 -1.34 26.58 -7.79
C GLU D 66 0.05 26.74 -7.19
N ILE D 67 0.33 25.87 -6.22
CA ILE D 67 1.57 25.86 -5.46
C ILE D 67 2.75 25.34 -6.29
N ILE D 68 2.62 24.14 -6.84
CA ILE D 68 3.74 23.53 -7.55
C ILE D 68 4.17 24.49 -8.67
N ASN D 69 3.22 25.07 -9.41
CA ASN D 69 3.51 26.11 -10.44
C ASN D 69 4.34 27.30 -9.93
N PHE D 70 4.10 27.69 -8.69
CA PHE D 70 4.75 28.84 -8.14
C PHE D 70 6.14 28.54 -7.60
N ASN D 71 6.22 27.56 -6.69
CA ASN D 71 7.39 26.79 -6.28
C ASN D 71 8.41 26.48 -7.36
N CSO D 72 7.92 26.21 -8.56
CA CSO D 72 8.70 25.74 -9.67
CB CSO D 72 8.26 24.29 -10.02
SG CSO D 72 8.29 23.20 -8.53
C CSO D 72 8.71 26.62 -10.92
O CSO D 72 9.07 26.17 -12.02
OD CSO D 72 9.72 22.12 -8.75
N ARG D 73 8.29 27.88 -10.79
CA ARG D 73 8.18 28.77 -11.96
C ARG D 73 9.56 29.05 -12.52
N LYS D 74 10.52 29.22 -11.60
CA LYS D 74 11.91 29.41 -11.93
C LYS D 74 12.50 28.19 -12.59
N LEU D 75 12.24 27.00 -12.07
CA LEU D 75 12.61 25.78 -12.85
C LEU D 75 11.97 25.78 -14.24
N VAL D 76 10.67 26.05 -14.32
CA VAL D 76 9.95 26.11 -15.61
C VAL D 76 10.51 27.14 -16.58
N ALA D 77 10.90 28.30 -16.04
CA ALA D 77 11.49 29.39 -16.80
C ALA D 77 12.79 28.93 -17.45
N SER D 78 13.68 28.42 -16.60
CA SER D 78 14.97 27.78 -16.97
C SER D 78 14.83 26.76 -18.10
N MET D 79 13.61 26.29 -18.27
CA MET D 79 13.28 25.09 -19.01
C MET D 79 12.65 25.37 -20.35
N PRO D 80 13.42 25.19 -21.41
CA PRO D 80 12.94 25.30 -22.80
C PRO D 80 11.70 24.57 -23.36
N LEU D 81 11.64 23.25 -23.24
CA LEU D 81 10.43 22.42 -23.46
C LEU D 81 9.12 22.90 -22.82
N PHE D 82 9.20 23.70 -21.77
CA PHE D 82 8.01 24.16 -21.05
C PHE D 82 7.45 25.46 -21.59
N ALA D 83 8.34 26.43 -21.78
CA ALA D 83 7.98 27.78 -22.18
C ALA D 83 6.93 27.79 -23.29
N ASN D 84 7.15 27.02 -24.36
CA ASN D 84 6.26 27.09 -25.50
C ASN D 84 5.16 26.02 -25.44
N ALA D 85 5.11 25.31 -24.32
CA ALA D 85 4.09 24.30 -24.10
C ALA D 85 2.87 24.83 -23.32
N ASP D 86 1.74 24.15 -23.53
CA ASP D 86 0.47 24.27 -22.82
C ASP D 86 0.66 24.45 -21.30
N PRO D 87 0.06 25.50 -20.70
CA PRO D 87 0.03 25.68 -19.24
C PRO D 87 -0.33 24.43 -18.45
N ASN D 88 -1.22 23.63 -19.04
CA ASN D 88 -1.73 22.42 -18.42
C ASN D 88 -0.78 21.23 -18.44
N PHE D 89 0.03 21.17 -19.49
CA PHE D 89 1.01 20.11 -19.67
C PHE D 89 2.06 20.34 -18.63
N VAL D 90 2.44 21.59 -18.48
CA VAL D 90 3.47 21.94 -17.52
C VAL D 90 3.06 21.64 -16.08
N THR D 91 1.75 21.73 -15.83
CA THR D 91 1.21 21.58 -14.49
C THR D 91 1.18 20.10 -14.22
N SER D 92 0.77 19.37 -15.23
CA SER D 92 0.64 17.97 -15.02
C SER D 92 2.01 17.29 -14.83
N MET D 93 3.07 17.88 -15.40
CA MET D 93 4.41 17.26 -15.29
C MET D 93 4.99 17.56 -13.92
N LEU D 94 4.94 18.82 -13.54
CA LEU D 94 5.44 19.22 -12.25
C LEU D 94 4.90 18.29 -11.17
N THR D 95 3.60 18.03 -11.18
CA THR D 95 2.99 17.27 -10.06
C THR D 95 3.54 15.87 -9.96
N LYS D 96 4.15 15.36 -11.03
CA LYS D 96 4.79 14.04 -11.01
C LYS D 96 6.32 14.00 -10.80
N LEU D 97 6.96 15.14 -10.56
CA LEU D 97 8.39 15.20 -10.49
C LEU D 97 8.90 14.88 -9.10
N ARG D 98 9.96 14.07 -8.96
CA ARG D 98 10.41 13.82 -7.60
C ARG D 98 11.78 14.43 -7.37
N PHE D 99 11.93 15.15 -6.27
CA PHE D 99 13.18 15.81 -5.95
C PHE D 99 14.23 14.80 -5.49
N GLU D 100 15.43 14.89 -6.08
CA GLU D 100 16.52 13.95 -5.81
C GLU D 100 17.83 14.71 -5.88
N VAL D 101 18.76 14.39 -4.97
CA VAL D 101 20.09 15.02 -4.95
C VAL D 101 21.18 13.98 -5.18
N PHE D 102 22.09 14.32 -6.07
CA PHE D 102 23.33 13.54 -6.25
C PHE D 102 24.63 14.26 -5.83
N GLN D 103 25.65 13.49 -5.42
CA GLN D 103 27.00 14.05 -5.12
C GLN D 103 27.97 14.01 -6.31
N PRO D 104 29.07 14.80 -6.23
CA PRO D 104 30.14 14.68 -7.22
C PRO D 104 30.60 13.24 -7.29
N GLY D 105 30.64 12.71 -8.51
CA GLY D 105 31.11 11.34 -8.73
C GLY D 105 30.01 10.30 -8.86
N ASP D 106 28.87 10.57 -8.23
CA ASP D 106 27.73 9.66 -8.33
C ASP D 106 27.38 9.28 -9.77
N TYR D 107 27.23 8.00 -10.04
CA TYR D 107 26.64 7.58 -11.31
C TYR D 107 25.11 7.75 -11.26
N ILE D 108 24.57 8.70 -12.02
CA ILE D 108 23.13 8.87 -11.96
C ILE D 108 22.52 7.79 -12.83
N ILE D 109 23.04 7.63 -14.02
CA ILE D 109 22.65 6.58 -14.95
C ILE D 109 23.94 5.92 -15.36
N ARG D 110 23.88 4.61 -15.58
CA ARG D 110 25.00 3.74 -15.98
C ARG D 110 24.58 3.17 -17.32
N GLU D 111 25.44 3.23 -18.34
CA GLU D 111 25.10 2.64 -19.64
C GLU D 111 24.75 1.14 -19.46
N GLY D 112 23.81 0.62 -20.23
CA GLY D 112 23.48 -0.81 -20.18
C GLY D 112 22.40 -1.25 -19.19
N THR D 113 22.13 -0.40 -18.22
CA THR D 113 21.06 -0.64 -17.25
C THR D 113 19.68 -0.42 -17.82
N ILE D 114 18.68 -1.02 -17.17
CA ILE D 114 17.29 -0.74 -17.57
C ILE D 114 16.85 0.56 -16.93
N GLY D 115 16.41 1.50 -17.78
CA GLY D 115 15.98 2.82 -17.33
C GLY D 115 14.54 2.84 -16.88
N LYS D 116 14.27 3.30 -15.68
CA LYS D 116 12.89 3.44 -15.27
C LYS D 116 12.51 4.92 -14.97
N LYS D 117 13.38 5.87 -15.32
CA LYS D 117 13.27 7.27 -14.88
C LYS D 117 13.98 8.16 -15.87
N MET D 118 13.57 9.42 -15.93
CA MET D 118 14.34 10.46 -16.59
C MET D 118 14.54 11.65 -15.64
N TYR D 119 15.31 12.67 -16.05
CA TYR D 119 15.77 13.69 -15.10
C TYR D 119 15.88 15.12 -15.65
N PHE D 120 15.43 16.09 -14.84
CA PHE D 120 15.52 17.50 -15.14
C PHE D 120 16.41 18.12 -14.12
N ILE D 121 17.25 19.02 -14.60
CA ILE D 121 18.29 19.62 -13.78
C ILE D 121 17.80 20.97 -13.28
N GLN D 122 17.45 21.04 -12.02
CA GLN D 122 17.27 22.32 -11.39
C GLN D 122 18.63 23.04 -11.37
N HIS D 123 19.60 22.49 -10.61
CA HIS D 123 20.99 22.98 -10.57
C HIS D 123 22.01 21.81 -10.58
N GLY D 124 22.71 21.63 -11.68
CA GLY D 124 23.86 20.82 -11.61
C GLY D 124 24.66 20.70 -12.84
N VAL D 125 25.87 20.20 -12.68
CA VAL D 125 26.65 19.84 -13.86
C VAL D 125 26.91 18.34 -13.92
N VAL D 126 26.83 17.79 -15.10
CA VAL D 126 26.77 16.36 -15.23
C VAL D 126 27.52 15.94 -16.49
N SER D 127 28.43 14.98 -16.39
CA SER D 127 29.16 14.48 -17.60
C SER D 127 28.38 13.37 -18.25
N VAL D 128 28.32 13.39 -19.56
CA VAL D 128 27.59 12.37 -20.34
C VAL D 128 28.63 11.60 -21.12
N LEU D 129 28.77 10.33 -20.80
CA LEU D 129 29.89 9.53 -21.25
C LEU D 129 29.35 8.41 -22.07
N THR D 130 29.50 8.50 -23.38
CA THR D 130 29.18 7.36 -24.24
C THR D 130 30.48 6.57 -24.46
N LYS D 131 30.35 5.24 -24.63
CA LYS D 131 31.54 4.36 -24.64
C LYS D 131 32.45 4.63 -25.85
N GLY D 132 33.75 4.68 -25.54
CA GLY D 132 34.81 4.96 -26.51
C GLY D 132 34.56 6.13 -27.45
N ASN D 133 34.10 7.26 -26.92
CA ASN D 133 34.08 8.56 -27.62
C ASN D 133 33.73 9.77 -26.74
N LYS D 134 33.91 10.98 -27.28
CA LYS D 134 34.10 12.21 -26.50
C LYS D 134 33.02 12.55 -25.46
N GLU D 135 33.41 12.57 -24.20
CA GLU D 135 32.51 13.02 -23.12
C GLU D 135 31.85 14.41 -23.39
N THR D 136 30.60 14.60 -22.92
CA THR D 136 29.92 15.91 -23.00
C THR D 136 29.21 16.23 -21.68
N LYS D 137 28.83 17.50 -21.52
CA LYS D 137 28.21 18.00 -20.30
C LYS D 137 26.73 18.43 -20.46
N LEU D 138 26.02 18.52 -19.34
CA LEU D 138 24.67 19.09 -19.28
C LEU D 138 24.47 19.85 -17.95
N ALA D 139 23.67 20.92 -17.98
CA ALA D 139 23.40 21.68 -16.78
C ALA D 139 21.96 22.11 -16.57
N ASP D 140 21.82 23.10 -15.69
CA ASP D 140 20.58 23.82 -15.44
C ASP D 140 19.71 23.99 -16.70
N GLY D 141 18.46 23.58 -16.61
CA GLY D 141 17.56 23.75 -17.73
C GLY D 141 17.43 22.50 -18.55
N SER D 142 18.47 21.69 -18.60
CA SER D 142 18.48 20.56 -19.50
C SER D 142 17.85 19.31 -18.92
N TYR D 143 17.62 18.33 -19.78
CA TYR D 143 17.19 17.03 -19.27
C TYR D 143 17.90 15.82 -19.87
N PHE D 144 17.87 14.70 -19.14
CA PHE D 144 18.44 13.43 -19.65
C PHE D 144 17.74 12.16 -19.14
N GLY D 145 18.01 11.07 -19.85
CA GLY D 145 17.42 9.80 -19.55
C GLY D 145 16.17 9.61 -20.34
N GLU D 146 15.86 10.53 -21.27
CA GLU D 146 14.66 10.40 -22.09
C GLU D 146 14.67 9.23 -23.07
N ILE D 147 15.83 8.86 -23.58
CA ILE D 147 15.89 7.90 -24.66
C ILE D 147 15.26 6.56 -24.22
N CYS D 148 15.55 6.17 -23.01
CA CYS D 148 15.10 4.89 -22.47
C CYS D 148 13.61 4.71 -22.20
N LEU D 149 12.98 5.77 -21.75
CA LEU D 149 11.58 5.83 -21.50
C LEU D 149 10.85 5.85 -22.81
N LEU D 150 11.56 6.27 -23.86
CA LEU D 150 10.98 6.26 -25.18
C LEU D 150 10.92 4.88 -25.84
N THR D 151 11.99 4.08 -25.71
CA THR D 151 12.05 2.78 -26.34
C THR D 151 12.19 1.64 -25.37
N ARG D 152 11.83 1.83 -24.12
CA ARG D 152 11.75 0.68 -23.20
C ARG D 152 12.94 -0.27 -23.36
N GLY D 153 14.13 0.24 -23.72
CA GLY D 153 15.38 -0.57 -23.94
C GLY D 153 16.46 -0.29 -22.90
N ARG D 154 17.73 -0.27 -23.27
CA ARG D 154 18.77 -0.04 -22.23
C ARG D 154 19.49 1.31 -22.31
N ARG D 155 20.16 1.71 -21.25
CA ARG D 155 20.72 3.07 -21.27
C ARG D 155 21.83 3.22 -22.31
N THR D 156 21.75 4.26 -23.13
CA THR D 156 22.68 4.41 -24.25
C THR D 156 23.97 5.19 -23.91
N ALA D 157 24.12 5.60 -22.66
CA ALA D 157 25.25 6.40 -22.18
C ALA D 157 25.17 6.32 -20.68
N SER D 158 26.27 6.62 -20.00
CA SER D 158 26.25 6.83 -18.57
C SER D 158 26.18 8.30 -18.26
N VAL D 159 25.60 8.64 -17.12
CA VAL D 159 25.54 10.03 -16.74
C VAL D 159 26.06 10.13 -15.31
N ARG D 160 27.21 10.81 -15.16
CA ARG D 160 27.86 11.07 -13.87
C ARG D 160 27.77 12.56 -13.47
N ALA D 161 27.66 12.76 -12.16
CA ALA D 161 27.50 14.07 -11.57
C ALA D 161 28.83 14.72 -11.26
N ASP D 162 29.08 15.87 -11.88
CA ASP D 162 30.33 16.62 -11.66
C ASP D 162 30.31 17.39 -10.37
N THR D 163 29.23 18.13 -10.17
CA THR D 163 28.98 18.89 -8.93
C THR D 163 27.81 18.25 -8.18
N TYR D 164 27.53 18.67 -6.96
CA TYR D 164 26.21 18.43 -6.39
C TYR D 164 25.16 18.69 -7.46
N CYS D 165 24.19 17.78 -7.49
CA CYS D 165 23.14 17.84 -8.46
C CYS D 165 21.75 17.91 -7.80
N ARG D 166 21.08 19.04 -7.95
CA ARG D 166 19.70 19.11 -7.50
C ARG D 166 18.81 18.75 -8.69
N LEU D 167 18.24 17.56 -8.65
CA LEU D 167 17.44 17.10 -9.81
C LEU D 167 15.92 16.85 -9.50
N TYR D 168 15.15 16.92 -10.57
CA TYR D 168 13.76 16.47 -10.51
C TYR D 168 13.58 15.29 -11.43
N SER D 169 13.35 14.11 -10.85
CA SER D 169 13.09 12.89 -11.66
C SER D 169 11.62 12.62 -11.98
N LEU D 170 11.41 11.79 -13.01
CA LEU D 170 10.07 11.41 -13.52
C LEU D 170 10.06 9.98 -14.00
N SER D 171 9.21 9.17 -13.39
CA SER D 171 9.14 7.74 -13.61
C SER D 171 8.65 7.43 -14.99
N VAL D 172 9.01 6.27 -15.54
CA VAL D 172 8.43 5.83 -16.82
C VAL D 172 6.87 5.78 -16.80
N ASP D 173 6.29 5.07 -15.85
CA ASP D 173 4.80 5.09 -15.77
C ASP D 173 4.30 6.51 -15.87
N ASN D 174 4.79 7.40 -14.99
CA ASN D 174 4.36 8.80 -15.01
C ASN D 174 4.54 9.50 -16.36
N PHE D 175 5.69 9.26 -17.01
CA PHE D 175 6.03 9.84 -18.30
C PHE D 175 5.01 9.41 -19.29
N ASN D 176 4.83 8.09 -19.35
CA ASN D 176 3.81 7.50 -20.20
C ASN D 176 2.47 8.11 -19.91
N GLU D 177 2.03 8.10 -18.67
CA GLU D 177 0.74 8.70 -18.33
C GLU D 177 0.55 10.04 -19.05
N VAL D 178 1.51 10.95 -18.91
CA VAL D 178 1.36 12.34 -19.38
C VAL D 178 1.31 12.53 -20.92
N LEU D 179 2.13 11.77 -21.64
CA LEU D 179 2.13 11.85 -23.11
C LEU D 179 0.87 11.21 -23.71
N GLU D 180 0.34 10.20 -23.00
CA GLU D 180 -0.98 9.64 -23.32
C GLU D 180 -2.10 10.67 -23.13
N GLU D 181 -1.89 11.65 -22.25
CA GLU D 181 -2.86 12.73 -22.08
C GLU D 181 -2.65 13.82 -23.14
N TYR D 182 -1.42 14.37 -23.26
CA TYR D 182 -1.09 15.38 -24.28
C TYR D 182 -0.17 14.82 -25.40
N PRO D 183 -0.72 14.02 -26.32
CA PRO D 183 0.16 13.26 -27.24
C PRO D 183 0.94 14.13 -28.26
N MET D 184 0.51 15.38 -28.45
CA MET D 184 1.24 16.38 -29.23
C MET D 184 2.68 16.41 -28.77
N MET D 185 2.88 16.14 -27.49
CA MET D 185 4.13 16.48 -26.80
C MET D 185 5.21 15.42 -26.85
N ARG D 186 4.84 14.19 -27.22
CA ARG D 186 5.82 13.16 -27.34
C ARG D 186 6.93 13.65 -28.23
N ARG D 187 6.58 14.18 -29.40
CA ARG D 187 7.58 14.55 -30.40
C ARG D 187 8.74 15.36 -29.84
N ALA D 188 8.44 16.38 -29.07
CA ALA D 188 9.49 17.19 -28.48
C ALA D 188 10.63 16.32 -27.88
N PHE D 189 10.26 15.26 -27.13
CA PHE D 189 11.26 14.36 -26.53
C PHE D 189 11.95 13.56 -27.61
N GLU D 190 11.15 12.95 -28.50
CA GLU D 190 11.67 12.15 -29.62
C GLU D 190 12.73 12.93 -30.39
N THR D 191 12.41 14.20 -30.67
CA THR D 191 13.28 15.12 -31.36
C THR D 191 14.62 15.23 -30.66
N VAL D 192 14.59 15.56 -29.36
CA VAL D 192 15.81 15.68 -28.56
C VAL D 192 16.49 14.30 -28.34
N ALA D 193 15.69 13.25 -28.33
CA ALA D 193 16.30 11.95 -28.28
C ALA D 193 17.09 11.67 -29.56
N LEU D 194 16.52 11.96 -30.72
CA LEU D 194 17.16 11.48 -31.95
C LEU D 194 18.42 12.27 -32.36
N ASP D 195 18.46 13.57 -32.10
CA ASP D 195 19.70 14.28 -32.33
C ASP D 195 20.82 13.65 -31.50
N ARG D 196 20.44 13.05 -30.39
CA ARG D 196 21.39 12.53 -29.40
C ARG D 196 21.91 11.15 -29.78
N LEU D 197 21.00 10.31 -30.25
CA LEU D 197 21.34 8.98 -30.71
C LEU D 197 22.29 8.98 -31.91
N ASP D 198 21.96 9.74 -32.96
CA ASP D 198 22.77 9.77 -34.18
C ASP D 198 24.13 10.49 -33.97
N ARG D 199 24.17 11.40 -32.99
CA ARG D 199 25.44 12.03 -32.58
C ARG D 199 26.27 11.14 -31.65
PA PCG E . -23.43 -18.81 0.01
O1A PCG E . -24.47 -19.12 -1.05
O2A PCG E . -22.12 -18.16 -0.37
O5' PCG E . -24.07 -17.86 1.09
C5' PCG E . -25.20 -18.34 1.84
C4' PCG E . -24.59 -19.50 2.59
O4' PCG E . -25.42 -20.10 3.57
C3' PCG E . -24.27 -20.61 1.66
O3' PCG E . -23.17 -20.12 0.89
C2' PCG E . -24.02 -21.76 2.61
O2' PCG E . -22.70 -21.72 3.14
C1' PCG E . -24.91 -21.43 3.78
N9 PCG E . -26.03 -22.39 3.91
C8 PCG E . -26.32 -23.08 5.03
N7 PCG E . -27.42 -23.84 4.85
C5 PCG E . -27.84 -23.63 3.61
C6 PCG E . -28.91 -24.15 2.82
O6 PCG E . -29.64 -24.97 3.34
N1 PCG E . -29.09 -23.71 1.56
C2 PCG E . -28.24 -22.81 1.00
N2 PCG E . -28.44 -22.39 -0.27
N3 PCG E . -27.19 -22.30 1.71
C4 PCG E . -26.95 -22.68 2.99
PA PCG F . -9.13 -13.29 21.35
O1A PCG F . -8.82 -14.78 21.28
O2A PCG F . -9.72 -12.69 22.61
O5' PCG F . -10.17 -12.96 20.12
C5' PCG F . -10.22 -11.69 19.46
C4' PCG F . -8.79 -11.46 19.04
O4' PCG F . -8.53 -10.30 18.25
C3' PCG F . -7.92 -11.26 20.26
O3' PCG F . -7.79 -12.46 21.00
C2' PCG F . -6.64 -10.79 19.62
O2' PCG F . -5.96 -11.98 19.26
C1' PCG F . -7.13 -10.02 18.40
N9 PCG F . -6.93 -8.55 18.53
C8 PCG F . -6.25 -7.78 17.65
N7 PCG F . -6.24 -6.47 18.04
C5 PCG F . -6.93 -6.42 19.21
C6 PCG F . -7.29 -5.35 20.16
O6 PCG F . -6.94 -4.18 19.94
N1 PCG F . -8.01 -5.66 21.25
C2 PCG F . -8.43 -6.92 21.52
N2 PCG F . -9.14 -7.15 22.66
N3 PCG F . -8.12 -7.97 20.70
C4 PCG F . -7.38 -7.78 19.54
C ACT G . 1.54 -23.88 6.64
O ACT G . 1.74 -24.21 5.43
OXT ACT G . 1.03 -22.75 6.85
CH3 ACT G . 1.89 -24.82 7.75
C ACT H . -24.06 -19.92 21.06
O ACT H . -23.41 -20.66 20.31
OXT ACT H . -24.93 -20.50 21.79
CH3 ACT H . -23.89 -18.45 21.19
C ACT I . -27.39 -26.19 15.48
O ACT I . -27.11 -25.14 14.83
OXT ACT I . -26.63 -26.45 16.47
CH3 ACT I . -28.60 -27.04 15.05
PA PCG J . -17.24 13.68 -18.57
O1A PCG J . -17.13 13.91 -20.07
O2A PCG J . -16.57 12.48 -17.93
O5' PCG J . -16.65 14.95 -17.79
C5' PCG J . -17.32 16.21 -17.99
C4' PCG J . -18.80 16.00 -17.66
O4' PCG J . -19.71 17.12 -17.77
C3' PCG J . -19.48 14.91 -18.44
O3' PCG J . -18.80 13.71 -18.16
C2' PCG J . -20.91 15.05 -17.91
O2' PCG J . -21.24 14.24 -16.79
C1' PCG J . -20.98 16.53 -17.49
N9 PCG J . -21.98 17.20 -18.33
C8 PCG J . -23.05 17.86 -17.85
N7 PCG J . -23.77 18.38 -18.87
C5 PCG J . -23.18 18.05 -20.02
C6 PCG J . -23.45 18.29 -21.44
O6 PCG J . -24.45 18.94 -21.76
N1 PCG J . -22.62 17.77 -22.33
C2 PCG J . -21.55 17.06 -21.94
N2 PCG J . -20.70 16.56 -22.89
N3 PCG J . -21.25 16.81 -20.64
C4 PCG J . -22.01 17.27 -19.66
PA PCG K . -19.69 16.82 7.62
O1A PCG K . -21.17 16.49 7.67
O2A PCG K . -19.15 17.98 8.43
O5' PCG K . -19.21 17.09 6.11
C5' PCG K . -17.85 16.89 5.71
C4' PCG K . -17.43 15.50 6.18
O4' PCG K . -16.08 15.17 5.92
C3' PCG K . -17.47 15.49 7.68
O3' PCG K . -18.85 15.50 8.03
C2' PCG K . -16.62 14.29 8.06
O2' PCG K . -17.42 13.11 8.30
C1' PCG K . -15.71 14.13 6.84
N9 PCG K . -14.25 14.15 7.16
C8 PCG K . -13.35 13.25 6.68
N7 PCG K . -12.09 13.48 7.14
C5 PCG K . -12.17 14.56 7.96
C6 PCG K . -11.21 15.34 8.77
O6 PCG K . -10.00 15.01 8.79
N1 PCG K . -11.69 16.38 9.48
C2 PCG K . -13.00 16.74 9.45
N2 PCG K . -13.44 17.81 10.17
N3 PCG K . -13.92 16.07 8.72
C4 PCG K . -13.58 14.99 7.97
PA PCG L . 12.16 -24.98 -3.97
O1A PCG L . 11.49 -26.09 -4.75
O2A PCG L . 11.67 -23.56 -4.15
O5' PCG L . 12.02 -25.29 -2.39
C5' PCG L . 12.83 -26.22 -1.72
C4' PCG L . 14.27 -25.96 -2.17
O4' PCG L . 15.22 -26.89 -1.68
C3' PCG L . 14.43 -26.13 -3.66
O3' PCG L . 13.75 -25.05 -4.24
C2' PCG L . 15.91 -26.09 -3.78
O2' PCG L . 16.40 -24.75 -3.89
C1' PCG L . 16.38 -26.69 -2.45
N9 PCG L . 17.05 -27.99 -2.67
C8 PCG L . 18.30 -28.34 -2.27
N7 PCG L . 18.63 -29.61 -2.66
C5 PCG L . 17.56 -30.08 -3.34
C6 PCG L . 17.25 -31.32 -4.02
O6 PCG L . 18.07 -32.25 -4.04
N1 PCG L . 16.04 -31.41 -4.58
C2 PCG L . 15.14 -30.39 -4.55
N2 PCG L . 13.95 -30.55 -5.15
N3 PCG L . 15.37 -29.22 -3.91
C4 PCG L . 16.54 -29.02 -3.32
PA PCG M . 23.95 -7.03 11.69
O1A PCG M . 25.16 -6.94 10.80
O2A PCG M . 24.07 -7.14 13.21
O5' PCG M . 23.06 -8.31 11.19
C5' PCG M . 21.62 -8.29 11.13
C4' PCG M . 21.18 -7.03 10.38
O4' PCG M . 19.77 -6.80 10.29
C3' PCG M . 21.65 -5.81 11.17
O3' PCG M . 23.07 -5.73 11.26
C2' PCG M . 20.89 -4.68 10.49
O2' PCG M . 21.64 -4.17 9.39
C1' PCG M . 19.60 -5.39 10.08
N9 PCG M . 18.50 -4.83 10.90
C8 PCG M . 17.37 -4.25 10.41
N7 PCG M . 16.55 -3.80 11.40
C5 PCG M . 17.17 -4.08 12.57
C6 PCG M . 16.86 -3.88 14.03
O6 PCG M . 15.79 -3.32 14.39
N1 PCG M . 17.78 -4.33 14.94
C2 PCG M . 18.94 -4.94 14.57
N2 PCG M . 19.81 -5.37 15.53
N3 PCG M . 19.28 -5.15 13.26
C4 PCG M . 18.45 -4.75 12.24
C1 GOL N . 6.08 -32.61 7.49
O1 GOL N . 5.46 -32.71 8.74
C2 GOL N . 5.60 -31.34 6.77
O2 GOL N . 5.80 -30.19 7.59
C3 GOL N . 6.28 -31.21 5.40
O3 GOL N . 5.37 -31.36 4.32
C1 GOL O . 22.10 3.16 -9.50
O1 GOL O . 21.01 2.62 -8.79
C2 GOL O . 22.86 4.25 -8.71
O2 GOL O . 22.16 5.49 -8.80
C3 GOL O . 24.27 4.33 -9.33
O3 GOL O . 25.34 4.39 -8.39
C ACT P . 19.39 -18.07 23.45
O ACT P . 20.53 -17.78 22.99
OXT ACT P . 18.79 -17.15 24.07
CH3 ACT P . 18.81 -19.44 23.26
PA PCG Q . 19.30 7.33 -21.91
O1A PCG Q . 20.08 6.66 -23.01
O2A PCG Q . 17.93 6.88 -21.48
O5' PCG Q . 20.30 7.50 -20.68
C5' PCG Q . 21.50 8.26 -20.93
C4' PCG Q . 20.98 9.62 -21.37
O4' PCG Q . 21.96 10.57 -21.71
C3' PCG Q . 20.22 9.53 -22.67
O3' PCG Q . 19.02 8.84 -22.39
C2' PCG Q . 20.11 10.97 -23.12
O2' PCG Q . 19.01 11.64 -22.56
C1' PCG Q . 21.35 11.58 -22.51
N9 PCG Q . 22.35 12.07 -23.52
C8 PCG Q . 22.89 13.31 -23.53
N7 PCG Q . 23.78 13.46 -24.53
C5 PCG Q . 23.82 12.28 -25.21
C6 PCG Q . 24.53 11.76 -26.41
O6 PCG Q . 25.37 12.47 -27.06
N1 PCG Q . 24.27 10.49 -26.78
C2 PCG Q . 23.40 9.71 -26.11
N2 PCG Q . 23.18 8.45 -26.56
N3 PCG Q . 22.70 10.13 -25.03
C4 PCG Q . 22.87 11.37 -24.53
PA PCG R . 13.72 23.47 -1.54
O1A PCG R . 13.46 24.90 -1.96
O2A PCG R . 14.85 23.12 -0.57
O5' PCG R . 14.01 22.57 -2.86
C5' PCG R . 13.69 21.16 -2.94
C4' PCG R . 12.27 20.95 -2.45
O4' PCG R . 11.84 19.60 -2.33
C3' PCG R . 12.14 21.48 -1.03
O3' PCG R . 12.30 22.91 -1.00
C2' PCG R . 10.79 20.94 -0.63
O2' PCG R . 9.73 21.77 -1.10
C1' PCG R . 10.78 19.58 -1.34
N9 PCG R . 10.84 18.43 -0.36
C8 PCG R . 10.19 17.26 -0.53
N7 PCG R . 10.37 16.42 0.51
C5 PCG R . 11.15 17.06 1.41
C6 PCG R . 11.73 16.73 2.75
O6 PCG R . 11.53 15.62 3.29
N1 PCG R . 12.48 17.67 3.35
C2 PCG R . 12.72 18.88 2.79
N2 PCG R . 13.50 19.76 3.46
N3 PCG R . 12.23 19.22 1.57
C4 PCG R . 11.45 18.39 0.84
#